data_8HJC
#
_entry.id   8HJC
#
_entity_poly.entity_id   1
_entity_poly.type   'polypeptide(L)'
_entity_poly.pdbx_seq_one_letter_code
;CLESGTSCIPGAQHNCCSGVCVPIVTIFYGVCY
;
_entity_poly.pdbx_strand_id   A
#
# COMPACT_ATOMS: atom_id res chain seq x y z
N CYS A 1 -9.38 -4.69 5.42
CA CYS A 1 -8.36 -4.42 4.43
C CYS A 1 -8.19 -2.93 4.28
N LEU A 2 -7.02 -2.51 3.87
CA LEU A 2 -6.76 -1.10 3.64
C LEU A 2 -7.36 -0.72 2.29
N GLU A 3 -8.17 0.28 2.31
CA GLU A 3 -8.86 0.74 1.13
C GLU A 3 -8.01 1.68 0.28
N SER A 4 -8.50 1.97 -0.89
CA SER A 4 -7.86 2.84 -1.84
C SER A 4 -7.47 4.19 -1.22
N GLY A 5 -6.19 4.50 -1.25
CA GLY A 5 -5.72 5.74 -0.69
C GLY A 5 -5.18 5.58 0.71
N THR A 6 -5.43 4.43 1.33
CA THR A 6 -4.91 4.17 2.64
C THR A 6 -3.47 3.74 2.48
N SER A 7 -2.68 4.07 3.41
CA SER A 7 -1.27 3.91 3.31
C SER A 7 -0.84 2.50 3.67
N CYS A 8 0.11 2.01 2.92
CA CYS A 8 0.66 0.71 3.10
C CYS A 8 2.16 0.80 3.00
N ILE A 9 2.81 -0.25 3.35
CA ILE A 9 4.23 -0.33 3.23
C ILE A 9 4.54 -1.40 2.19
N PRO A 10 5.06 -1.00 1.02
CA PRO A 10 5.41 -1.94 -0.04
C PRO A 10 6.51 -2.88 0.44
N GLY A 11 6.33 -4.16 0.20
CA GLY A 11 7.29 -5.15 0.63
C GLY A 11 6.98 -5.71 2.02
N ALA A 12 6.14 -5.02 2.75
CA ALA A 12 5.73 -5.46 4.08
C ALA A 12 4.32 -6.01 3.98
N GLN A 13 3.57 -6.01 5.06
CA GLN A 13 2.23 -6.50 5.02
C GLN A 13 1.30 -5.45 4.47
N HIS A 14 1.08 -5.52 3.20
CA HIS A 14 0.20 -4.60 2.52
C HIS A 14 -1.17 -5.22 2.34
N ASN A 15 -1.94 -5.13 3.41
CA ASN A 15 -3.28 -5.74 3.56
C ASN A 15 -4.38 -5.03 2.76
N CYS A 16 -3.99 -4.25 1.76
CA CYS A 16 -4.88 -3.49 0.89
C CYS A 16 -5.99 -4.39 0.32
N CYS A 17 -7.15 -3.83 0.12
CA CYS A 17 -8.30 -4.56 -0.41
C CYS A 17 -8.01 -5.16 -1.79
N SER A 18 -7.31 -4.41 -2.64
CA SER A 18 -6.91 -4.91 -3.94
C SER A 18 -5.66 -5.76 -3.78
N GLY A 19 -4.98 -5.55 -2.66
CA GLY A 19 -3.72 -6.20 -2.36
C GLY A 19 -2.57 -5.42 -2.94
N VAL A 20 -2.89 -4.46 -3.77
CA VAL A 20 -1.90 -3.69 -4.48
C VAL A 20 -1.49 -2.48 -3.67
N CYS A 21 -0.23 -2.40 -3.41
CA CYS A 21 0.33 -1.28 -2.72
C CYS A 21 1.13 -0.49 -3.73
N VAL A 22 0.81 0.77 -3.87
CA VAL A 22 1.48 1.62 -4.81
C VAL A 22 2.51 2.46 -4.07
N PRO A 23 3.80 2.25 -4.36
CA PRO A 23 4.88 3.00 -3.72
C PRO A 23 4.81 4.49 -4.11
N ILE A 24 4.65 5.33 -3.12
CA ILE A 24 4.49 6.75 -3.36
C ILE A 24 5.79 7.47 -3.09
N VAL A 25 6.22 7.41 -1.84
CA VAL A 25 7.45 8.08 -1.43
C VAL A 25 8.62 7.36 -2.07
N THR A 26 8.63 6.09 -1.85
CA THR A 26 9.62 5.17 -2.31
C THR A 26 8.98 3.81 -2.17
N ILE A 27 9.74 2.76 -2.34
CA ILE A 27 9.26 1.40 -2.13
C ILE A 27 9.14 1.10 -0.63
N PHE A 28 9.38 2.09 0.19
CA PHE A 28 9.31 1.96 1.62
C PHE A 28 8.00 2.48 2.17
N TYR A 29 7.26 3.26 1.37
CA TYR A 29 6.00 3.84 1.83
C TYR A 29 5.10 4.10 0.63
N GLY A 30 3.86 3.65 0.71
CA GLY A 30 2.95 3.84 -0.38
C GLY A 30 1.50 3.86 0.07
N VAL A 31 0.60 3.74 -0.88
CA VAL A 31 -0.82 3.71 -0.62
C VAL A 31 -1.49 2.59 -1.43
N CYS A 32 -2.55 2.08 -0.90
CA CYS A 32 -3.32 1.03 -1.51
C CYS A 32 -4.05 1.53 -2.71
N TYR A 33 -4.04 0.73 -3.73
CA TYR A 33 -4.66 1.04 -4.97
C TYR A 33 -6.13 0.68 -4.89
N CYS A 1 -9.31 -4.84 5.35
CA CYS A 1 -8.31 -4.56 4.35
C CYS A 1 -8.18 -3.06 4.18
N LEU A 2 -6.98 -2.60 3.86
CA LEU A 2 -6.74 -1.20 3.66
C LEU A 2 -7.35 -0.78 2.34
N GLU A 3 -8.21 0.17 2.39
CA GLU A 3 -8.91 0.64 1.24
C GLU A 3 -8.02 1.49 0.34
N SER A 4 -8.54 1.78 -0.82
CA SER A 4 -7.88 2.59 -1.80
C SER A 4 -7.50 3.97 -1.23
N GLY A 5 -6.23 4.28 -1.22
CA GLY A 5 -5.79 5.56 -0.71
C GLY A 5 -5.23 5.46 0.69
N THR A 6 -5.47 4.34 1.35
CA THR A 6 -4.94 4.15 2.67
C THR A 6 -3.47 3.79 2.53
N SER A 7 -2.69 4.18 3.46
CA SER A 7 -1.27 4.01 3.36
C SER A 7 -0.86 2.57 3.64
N CYS A 8 0.12 2.12 2.92
CA CYS A 8 0.67 0.81 3.09
C CYS A 8 2.17 0.88 2.98
N ILE A 9 2.80 -0.18 3.33
CA ILE A 9 4.22 -0.26 3.24
C ILE A 9 4.55 -1.36 2.25
N PRO A 10 5.14 -1.00 1.11
CA PRO A 10 5.55 -1.97 0.11
C PRO A 10 6.61 -2.90 0.70
N GLY A 11 6.47 -4.18 0.48
CA GLY A 11 7.40 -5.14 1.04
C GLY A 11 6.85 -5.76 2.32
N ALA A 12 6.07 -5.00 3.06
CA ALA A 12 5.48 -5.47 4.29
C ALA A 12 4.10 -6.04 3.99
N GLN A 13 3.33 -6.35 5.02
CA GLN A 13 1.99 -6.87 4.85
C GLN A 13 1.04 -5.79 4.37
N HIS A 14 0.97 -5.63 3.08
CA HIS A 14 0.09 -4.67 2.50
C HIS A 14 -1.27 -5.27 2.27
N ASN A 15 -2.02 -5.31 3.36
CA ASN A 15 -3.36 -5.90 3.49
C ASN A 15 -4.45 -5.15 2.71
N CYS A 16 -4.03 -4.35 1.76
CA CYS A 16 -4.91 -3.54 0.92
C CYS A 16 -6.03 -4.41 0.32
N CYS A 17 -7.19 -3.82 0.14
CA CYS A 17 -8.34 -4.52 -0.43
C CYS A 17 -8.05 -4.99 -1.85
N SER A 18 -7.35 -4.17 -2.62
CA SER A 18 -6.94 -4.57 -3.95
C SER A 18 -5.76 -5.53 -3.83
N GLY A 19 -5.03 -5.36 -2.74
CA GLY A 19 -3.84 -6.11 -2.45
C GLY A 19 -2.63 -5.44 -3.03
N VAL A 20 -2.88 -4.41 -3.80
CA VAL A 20 -1.86 -3.69 -4.49
C VAL A 20 -1.46 -2.48 -3.68
N CYS A 21 -0.20 -2.37 -3.42
CA CYS A 21 0.33 -1.25 -2.72
C CYS A 21 1.12 -0.43 -3.72
N VAL A 22 0.78 0.81 -3.85
CA VAL A 22 1.43 1.68 -4.79
C VAL A 22 2.47 2.50 -4.07
N PRO A 23 3.76 2.28 -4.34
CA PRO A 23 4.83 3.03 -3.71
C PRO A 23 4.79 4.50 -4.13
N ILE A 24 4.61 5.37 -3.17
CA ILE A 24 4.44 6.78 -3.45
C ILE A 24 5.73 7.53 -3.24
N VAL A 25 6.30 7.39 -2.06
CA VAL A 25 7.55 8.08 -1.75
C VAL A 25 8.68 7.31 -2.38
N THR A 26 8.68 6.06 -2.08
CA THR A 26 9.67 5.11 -2.48
C THR A 26 9.01 3.78 -2.34
N ILE A 27 9.76 2.73 -2.44
CA ILE A 27 9.26 1.40 -2.16
C ILE A 27 9.20 1.18 -0.64
N PHE A 28 9.43 2.23 0.13
CA PHE A 28 9.43 2.15 1.56
C PHE A 28 8.14 2.73 2.14
N TYR A 29 7.38 3.44 1.31
CA TYR A 29 6.13 4.04 1.76
C TYR A 29 5.18 4.22 0.58
N GLY A 30 3.96 3.75 0.71
CA GLY A 30 3.02 3.85 -0.36
C GLY A 30 1.58 3.93 0.11
N VAL A 31 0.66 3.85 -0.84
CA VAL A 31 -0.75 3.84 -0.54
C VAL A 31 -1.40 2.73 -1.35
N CYS A 32 -2.41 2.16 -0.80
CA CYS A 32 -3.13 1.09 -1.41
C CYS A 32 -3.87 1.54 -2.65
N TYR A 33 -3.83 0.71 -3.65
CA TYR A 33 -4.52 0.96 -4.88
C TYR A 33 -6.02 0.91 -4.65
N CYS A 1 -9.44 -4.72 5.45
CA CYS A 1 -8.42 -4.49 4.45
C CYS A 1 -8.22 -3.01 4.28
N LEU A 2 -7.01 -2.60 3.94
CA LEU A 2 -6.74 -1.18 3.73
C LEU A 2 -7.33 -0.78 2.40
N GLU A 3 -8.14 0.23 2.44
CA GLU A 3 -8.84 0.68 1.29
C GLU A 3 -7.95 1.53 0.38
N SER A 4 -8.44 1.79 -0.81
CA SER A 4 -7.74 2.58 -1.80
C SER A 4 -7.42 3.97 -1.26
N GLY A 5 -6.15 4.30 -1.21
CA GLY A 5 -5.76 5.59 -0.72
C GLY A 5 -5.18 5.52 0.68
N THR A 6 -5.38 4.41 1.35
CA THR A 6 -4.80 4.22 2.66
C THR A 6 -3.35 3.87 2.48
N SER A 7 -2.53 4.17 3.43
CA SER A 7 -1.12 3.99 3.27
C SER A 7 -0.74 2.55 3.57
N CYS A 8 0.31 2.11 2.93
CA CYS A 8 0.85 0.80 3.11
C CYS A 8 2.33 0.86 2.88
N ILE A 9 2.99 -0.23 3.07
CA ILE A 9 4.41 -0.30 2.86
C ILE A 9 4.68 -1.40 1.82
N PRO A 10 5.15 -1.02 0.63
CA PRO A 10 5.50 -1.98 -0.42
C PRO A 10 6.62 -2.93 0.04
N GLY A 11 6.29 -4.20 0.16
CA GLY A 11 7.26 -5.17 0.63
C GLY A 11 6.90 -5.71 1.99
N ALA A 12 6.02 -5.00 2.68
CA ALA A 12 5.54 -5.43 3.97
C ALA A 12 4.12 -5.96 3.83
N GLN A 13 3.47 -6.28 4.94
CA GLN A 13 2.10 -6.77 4.91
C GLN A 13 1.12 -5.69 4.46
N HIS A 14 0.93 -5.61 3.18
CA HIS A 14 0.04 -4.65 2.59
C HIS A 14 -1.34 -5.26 2.38
N ASN A 15 -2.07 -5.26 3.46
CA ASN A 15 -3.41 -5.87 3.61
C ASN A 15 -4.51 -5.14 2.83
N CYS A 16 -4.11 -4.34 1.85
CA CYS A 16 -4.99 -3.54 1.02
C CYS A 16 -6.11 -4.40 0.40
N CYS A 17 -7.28 -3.82 0.23
CA CYS A 17 -8.43 -4.52 -0.34
C CYS A 17 -8.15 -5.03 -1.75
N SER A 18 -7.44 -4.24 -2.54
CA SER A 18 -7.03 -4.69 -3.85
C SER A 18 -5.84 -5.63 -3.70
N GLY A 19 -5.03 -5.34 -2.70
CA GLY A 19 -3.85 -6.11 -2.39
C GLY A 19 -2.63 -5.48 -2.98
N VAL A 20 -2.84 -4.45 -3.75
CA VAL A 20 -1.76 -3.78 -4.43
C VAL A 20 -1.36 -2.55 -3.65
N CYS A 21 -0.10 -2.43 -3.37
CA CYS A 21 0.41 -1.29 -2.68
C CYS A 21 1.28 -0.49 -3.64
N VAL A 22 0.84 0.70 -3.97
CA VAL A 22 1.52 1.53 -4.92
C VAL A 22 2.47 2.47 -4.18
N PRO A 23 3.78 2.38 -4.46
CA PRO A 23 4.78 3.20 -3.79
C PRO A 23 4.62 4.69 -4.15
N ILE A 24 4.63 5.53 -3.14
CA ILE A 24 4.47 6.95 -3.35
C ILE A 24 5.79 7.66 -3.15
N VAL A 25 6.38 7.48 -2.00
CA VAL A 25 7.66 8.10 -1.71
C VAL A 25 8.76 7.23 -2.29
N THR A 26 8.70 5.98 -1.91
CA THR A 26 9.66 4.97 -2.24
C THR A 26 8.96 3.64 -1.97
N ILE A 27 9.71 2.56 -1.94
CA ILE A 27 9.18 1.27 -1.54
C ILE A 27 8.99 1.23 -0.02
N PHE A 28 9.35 2.31 0.65
CA PHE A 28 9.22 2.39 2.09
C PHE A 28 7.93 3.05 2.46
N TYR A 29 7.17 3.54 1.48
CA TYR A 29 5.90 4.17 1.75
C TYR A 29 5.05 4.23 0.49
N GLY A 30 3.84 3.77 0.61
CA GLY A 30 2.95 3.79 -0.51
C GLY A 30 1.52 3.87 -0.07
N VAL A 31 0.62 3.76 -1.01
CA VAL A 31 -0.80 3.75 -0.72
C VAL A 31 -1.47 2.63 -1.50
N CYS A 32 -2.48 2.08 -0.91
CA CYS A 32 -3.23 1.00 -1.46
C CYS A 32 -3.95 1.42 -2.73
N TYR A 33 -3.85 0.57 -3.72
CA TYR A 33 -4.46 0.73 -5.00
C TYR A 33 -5.97 0.77 -4.84
N CYS A 1 -9.34 -4.75 5.39
CA CYS A 1 -8.36 -4.49 4.36
C CYS A 1 -8.18 -2.99 4.22
N LEU A 2 -6.99 -2.56 3.83
CA LEU A 2 -6.76 -1.15 3.62
C LEU A 2 -7.37 -0.75 2.30
N GLU A 3 -8.19 0.24 2.37
CA GLU A 3 -8.91 0.73 1.22
C GLU A 3 -8.02 1.59 0.33
N SER A 4 -8.51 1.93 -0.83
CA SER A 4 -7.82 2.75 -1.78
C SER A 4 -7.41 4.10 -1.16
N GLY A 5 -6.15 4.44 -1.27
CA GLY A 5 -5.69 5.70 -0.76
C GLY A 5 -5.13 5.59 0.65
N THR A 6 -5.30 4.45 1.29
CA THR A 6 -4.78 4.27 2.62
C THR A 6 -3.31 3.90 2.51
N SER A 7 -2.55 4.31 3.46
CA SER A 7 -1.14 4.14 3.42
C SER A 7 -0.75 2.71 3.76
N CYS A 8 0.13 2.18 2.99
CA CYS A 8 0.64 0.88 3.17
C CYS A 8 2.13 0.92 3.03
N ILE A 9 2.75 -0.14 3.39
CA ILE A 9 4.16 -0.24 3.30
C ILE A 9 4.50 -1.31 2.27
N PRO A 10 5.02 -0.90 1.11
CA PRO A 10 5.43 -1.84 0.08
C PRO A 10 6.55 -2.75 0.58
N GLY A 11 6.50 -3.99 0.19
CA GLY A 11 7.48 -4.95 0.64
C GLY A 11 7.04 -5.62 1.92
N ALA A 12 6.31 -4.89 2.75
CA ALA A 12 5.78 -5.44 3.96
C ALA A 12 4.43 -6.04 3.67
N GLN A 13 3.77 -6.52 4.70
CA GLN A 13 2.46 -7.08 4.54
C GLN A 13 1.44 -5.97 4.32
N HIS A 14 1.07 -5.82 3.09
CA HIS A 14 0.13 -4.81 2.67
C HIS A 14 -1.24 -5.40 2.49
N ASN A 15 -2.07 -5.19 3.50
CA ASN A 15 -3.41 -5.77 3.62
C ASN A 15 -4.48 -5.06 2.77
N CYS A 16 -4.04 -4.30 1.78
CA CYS A 16 -4.93 -3.53 0.90
C CYS A 16 -6.03 -4.43 0.32
N CYS A 17 -7.21 -3.87 0.11
CA CYS A 17 -8.36 -4.60 -0.43
C CYS A 17 -8.03 -5.17 -1.83
N SER A 18 -7.39 -4.39 -2.67
CA SER A 18 -6.96 -4.85 -3.98
C SER A 18 -5.71 -5.72 -3.82
N GLY A 19 -5.01 -5.49 -2.72
CA GLY A 19 -3.77 -6.17 -2.41
C GLY A 19 -2.59 -5.41 -2.97
N VAL A 20 -2.88 -4.43 -3.80
CA VAL A 20 -1.85 -3.68 -4.47
C VAL A 20 -1.51 -2.45 -3.66
N CYS A 21 -0.26 -2.33 -3.34
CA CYS A 21 0.25 -1.21 -2.62
C CYS A 21 1.13 -0.43 -3.57
N VAL A 22 0.74 0.77 -3.87
CA VAL A 22 1.46 1.59 -4.81
C VAL A 22 2.47 2.44 -4.06
N PRO A 23 3.77 2.23 -4.33
CA PRO A 23 4.83 3.01 -3.71
C PRO A 23 4.73 4.48 -4.13
N ILE A 24 4.61 5.35 -3.16
CA ILE A 24 4.46 6.76 -3.46
C ILE A 24 5.79 7.46 -3.31
N VAL A 25 6.39 7.32 -2.17
CA VAL A 25 7.67 7.95 -1.90
C VAL A 25 8.76 7.06 -2.46
N THR A 26 8.70 5.83 -2.06
CA THR A 26 9.65 4.80 -2.37
C THR A 26 8.95 3.51 -2.10
N ILE A 27 9.66 2.41 -2.10
CA ILE A 27 9.09 1.14 -1.69
C ILE A 27 8.95 1.08 -0.16
N PHE A 28 9.23 2.19 0.50
CA PHE A 28 9.17 2.24 1.93
C PHE A 28 7.88 2.90 2.40
N TYR A 29 7.16 3.52 1.48
CA TYR A 29 5.91 4.19 1.84
C TYR A 29 5.04 4.29 0.60
N GLY A 30 3.80 3.86 0.73
CA GLY A 30 2.90 3.92 -0.38
C GLY A 30 1.47 3.97 0.06
N VAL A 31 0.56 3.84 -0.89
CA VAL A 31 -0.86 3.82 -0.63
C VAL A 31 -1.50 2.70 -1.44
N CYS A 32 -2.55 2.16 -0.91
CA CYS A 32 -3.28 1.07 -1.53
C CYS A 32 -4.03 1.55 -2.75
N TYR A 33 -4.02 0.71 -3.75
CA TYR A 33 -4.66 0.97 -5.01
C TYR A 33 -6.15 0.80 -4.87
N CYS A 1 -9.33 -4.48 5.52
CA CYS A 1 -8.31 -4.31 4.50
C CYS A 1 -8.07 -2.84 4.30
N LEU A 2 -6.88 -2.48 3.88
CA LEU A 2 -6.59 -1.09 3.63
C LEU A 2 -7.23 -0.70 2.32
N GLU A 3 -8.05 0.29 2.37
CA GLU A 3 -8.79 0.74 1.23
C GLU A 3 -7.94 1.62 0.31
N SER A 4 -8.47 1.90 -0.85
CA SER A 4 -7.82 2.70 -1.85
C SER A 4 -7.41 4.08 -1.30
N GLY A 5 -6.13 4.36 -1.31
CA GLY A 5 -5.62 5.63 -0.83
C GLY A 5 -5.01 5.53 0.55
N THR A 6 -5.23 4.41 1.22
CA THR A 6 -4.70 4.22 2.56
C THR A 6 -3.25 3.81 2.43
N SER A 7 -2.48 4.15 3.39
CA SER A 7 -1.08 3.92 3.32
C SER A 7 -0.73 2.48 3.62
N CYS A 8 0.19 1.98 2.86
CA CYS A 8 0.71 0.68 3.03
C CYS A 8 2.20 0.76 2.88
N ILE A 9 2.84 -0.30 3.22
CA ILE A 9 4.25 -0.38 3.11
C ILE A 9 4.58 -1.43 2.05
N PRO A 10 5.10 -0.99 0.89
CA PRO A 10 5.45 -1.90 -0.19
C PRO A 10 6.52 -2.89 0.25
N GLY A 11 6.25 -4.16 0.09
CA GLY A 11 7.17 -5.17 0.54
C GLY A 11 6.80 -5.76 1.89
N ALA A 12 5.97 -5.06 2.64
CA ALA A 12 5.54 -5.51 3.95
C ALA A 12 4.15 -6.13 3.87
N GLN A 13 3.43 -6.20 4.99
CA GLN A 13 2.10 -6.75 5.01
C GLN A 13 1.08 -5.75 4.47
N HIS A 14 1.02 -5.65 3.17
CA HIS A 14 0.13 -4.73 2.51
C HIS A 14 -1.25 -5.35 2.31
N ASN A 15 -2.00 -5.29 3.38
CA ASN A 15 -3.35 -5.87 3.54
C ASN A 15 -4.45 -5.13 2.77
N CYS A 16 -4.05 -4.34 1.80
CA CYS A 16 -4.95 -3.55 0.96
C CYS A 16 -6.10 -4.43 0.41
N CYS A 17 -7.27 -3.82 0.20
CA CYS A 17 -8.43 -4.52 -0.32
C CYS A 17 -8.18 -5.07 -1.72
N SER A 18 -7.46 -4.31 -2.54
CA SER A 18 -7.06 -4.77 -3.85
C SER A 18 -5.82 -5.65 -3.71
N GLY A 19 -5.12 -5.44 -2.62
CA GLY A 19 -3.92 -6.17 -2.31
C GLY A 19 -2.69 -5.47 -2.83
N VAL A 20 -2.91 -4.52 -3.71
CA VAL A 20 -1.85 -3.83 -4.40
C VAL A 20 -1.45 -2.60 -3.62
N CYS A 21 -0.18 -2.51 -3.34
CA CYS A 21 0.37 -1.38 -2.66
C CYS A 21 1.20 -0.61 -3.67
N VAL A 22 0.90 0.65 -3.83
CA VAL A 22 1.57 1.48 -4.78
C VAL A 22 2.58 2.37 -4.06
N PRO A 23 3.88 2.21 -4.36
CA PRO A 23 4.94 3.03 -3.76
C PRO A 23 4.77 4.51 -4.15
N ILE A 24 4.59 5.36 -3.15
CA ILE A 24 4.34 6.77 -3.41
C ILE A 24 5.57 7.59 -3.07
N VAL A 25 6.06 7.43 -1.85
CA VAL A 25 7.25 8.15 -1.44
C VAL A 25 8.45 7.47 -2.03
N THR A 26 8.50 6.19 -1.80
CA THR A 26 9.55 5.30 -2.23
C THR A 26 8.96 3.91 -2.08
N ILE A 27 9.79 2.89 -2.17
CA ILE A 27 9.36 1.53 -1.89
C ILE A 27 9.19 1.31 -0.38
N PHE A 28 9.46 2.35 0.40
CA PHE A 28 9.34 2.26 1.84
C PHE A 28 7.97 2.72 2.30
N TYR A 29 7.27 3.50 1.48
CA TYR A 29 5.98 4.04 1.90
C TYR A 29 5.10 4.26 0.67
N GLY A 30 3.89 3.76 0.71
CA GLY A 30 3.00 3.90 -0.39
C GLY A 30 1.56 3.92 0.02
N VAL A 31 0.65 3.79 -0.94
CA VAL A 31 -0.78 3.75 -0.68
C VAL A 31 -1.40 2.61 -1.47
N CYS A 32 -2.47 2.09 -0.96
CA CYS A 32 -3.19 1.01 -1.56
C CYS A 32 -3.93 1.47 -2.80
N TYR A 33 -3.94 0.61 -3.80
CA TYR A 33 -4.59 0.86 -5.07
C TYR A 33 -6.10 0.77 -4.94
N CYS A 1 -9.29 -4.91 5.43
CA CYS A 1 -8.34 -4.62 4.39
C CYS A 1 -8.17 -3.12 4.27
N LEU A 2 -6.98 -2.68 3.89
CA LEU A 2 -6.72 -1.26 3.71
C LEU A 2 -7.40 -0.80 2.43
N GLU A 3 -8.20 0.22 2.54
CA GLU A 3 -8.94 0.74 1.42
C GLU A 3 -8.03 1.55 0.48
N SER A 4 -8.55 1.88 -0.68
CA SER A 4 -7.84 2.65 -1.67
C SER A 4 -7.42 4.03 -1.10
N GLY A 5 -6.14 4.33 -1.17
CA GLY A 5 -5.66 5.59 -0.65
C GLY A 5 -5.03 5.47 0.71
N THR A 6 -5.25 4.37 1.38
CA THR A 6 -4.65 4.16 2.69
C THR A 6 -3.20 3.83 2.51
N SER A 7 -2.41 4.19 3.45
CA SER A 7 -1.01 4.04 3.32
C SER A 7 -0.58 2.63 3.70
N CYS A 8 0.23 2.08 2.87
CA CYS A 8 0.76 0.77 3.05
C CYS A 8 2.25 0.82 2.95
N ILE A 9 2.87 -0.25 3.30
CA ILE A 9 4.29 -0.34 3.24
C ILE A 9 4.66 -1.40 2.21
N PRO A 10 5.23 -0.98 1.09
CA PRO A 10 5.68 -1.89 0.04
C PRO A 10 6.74 -2.86 0.56
N GLY A 11 6.54 -4.13 0.33
CA GLY A 11 7.49 -5.13 0.79
C GLY A 11 7.12 -5.68 2.16
N ALA A 12 6.08 -5.14 2.74
CA ALA A 12 5.59 -5.59 4.02
C ALA A 12 4.18 -6.13 3.82
N GLN A 13 3.41 -6.28 4.88
CA GLN A 13 2.07 -6.78 4.77
C GLN A 13 1.12 -5.70 4.28
N HIS A 14 0.94 -5.67 2.99
CA HIS A 14 0.06 -4.73 2.37
C HIS A 14 -1.31 -5.35 2.13
N ASN A 15 -2.05 -5.41 3.21
CA ASN A 15 -3.38 -6.02 3.35
C ASN A 15 -4.49 -5.24 2.63
N CYS A 16 -4.12 -4.39 1.69
CA CYS A 16 -5.04 -3.56 0.91
C CYS A 16 -6.17 -4.42 0.32
N CYS A 17 -7.34 -3.85 0.18
CA CYS A 17 -8.50 -4.55 -0.36
C CYS A 17 -8.22 -5.04 -1.79
N SER A 18 -7.57 -4.22 -2.56
CA SER A 18 -7.15 -4.57 -3.89
C SER A 18 -5.92 -5.49 -3.81
N GLY A 19 -5.20 -5.36 -2.71
CA GLY A 19 -3.99 -6.12 -2.46
C GLY A 19 -2.76 -5.38 -2.93
N VAL A 20 -2.97 -4.45 -3.82
CA VAL A 20 -1.92 -3.73 -4.46
C VAL A 20 -1.52 -2.51 -3.66
N CYS A 21 -0.25 -2.40 -3.40
CA CYS A 21 0.32 -1.27 -2.73
C CYS A 21 1.16 -0.52 -3.73
N VAL A 22 0.81 0.71 -3.97
CA VAL A 22 1.52 1.52 -4.93
C VAL A 22 2.54 2.38 -4.19
N PRO A 23 3.83 2.16 -4.42
CA PRO A 23 4.89 2.95 -3.78
C PRO A 23 4.82 4.40 -4.27
N ILE A 24 4.60 5.30 -3.36
CA ILE A 24 4.42 6.67 -3.74
C ILE A 24 5.71 7.43 -3.57
N VAL A 25 6.26 7.35 -2.39
CA VAL A 25 7.49 8.04 -2.12
C VAL A 25 8.64 7.17 -2.58
N THR A 26 8.61 5.96 -2.09
CA THR A 26 9.63 4.96 -2.29
C THR A 26 9.00 3.64 -1.96
N ILE A 27 9.78 2.60 -1.81
CA ILE A 27 9.28 1.32 -1.34
C ILE A 27 9.14 1.37 0.20
N PHE A 28 9.40 2.53 0.77
CA PHE A 28 9.29 2.70 2.18
C PHE A 28 7.91 3.25 2.55
N TYR A 29 7.21 3.81 1.58
CA TYR A 29 5.91 4.41 1.85
C TYR A 29 5.07 4.40 0.58
N GLY A 30 3.88 3.90 0.67
CA GLY A 30 3.00 3.86 -0.47
C GLY A 30 1.56 3.92 -0.06
N VAL A 31 0.67 3.79 -1.01
CA VAL A 31 -0.76 3.78 -0.73
C VAL A 31 -1.42 2.65 -1.50
N CYS A 32 -2.45 2.13 -0.93
CA CYS A 32 -3.22 1.06 -1.52
C CYS A 32 -3.96 1.55 -2.75
N TYR A 33 -3.96 0.71 -3.75
CA TYR A 33 -4.61 0.98 -5.01
C TYR A 33 -6.11 1.02 -4.82
N CYS A 1 -9.58 -4.94 5.15
CA CYS A 1 -8.53 -4.64 4.19
C CYS A 1 -8.28 -3.15 4.15
N LEU A 2 -7.06 -2.76 3.80
CA LEU A 2 -6.74 -1.35 3.70
C LEU A 2 -7.38 -0.82 2.43
N GLU A 3 -8.18 0.16 2.60
CA GLU A 3 -8.94 0.73 1.53
C GLU A 3 -8.10 1.55 0.56
N SER A 4 -8.69 1.87 -0.56
CA SER A 4 -8.04 2.65 -1.59
C SER A 4 -7.61 4.02 -1.05
N GLY A 5 -6.33 4.30 -1.11
CA GLY A 5 -5.84 5.55 -0.61
C GLY A 5 -5.30 5.46 0.80
N THR A 6 -5.42 4.31 1.45
CA THR A 6 -4.83 4.15 2.76
C THR A 6 -3.36 3.85 2.56
N SER A 7 -2.56 4.25 3.47
CA SER A 7 -1.16 4.11 3.33
C SER A 7 -0.72 2.69 3.70
N CYS A 8 0.21 2.19 2.96
CA CYS A 8 0.74 0.87 3.17
C CYS A 8 2.24 0.91 3.00
N ILE A 9 2.86 -0.16 3.36
CA ILE A 9 4.27 -0.27 3.24
C ILE A 9 4.60 -1.40 2.27
N PRO A 10 5.23 -1.07 1.14
CA PRO A 10 5.71 -2.08 0.20
C PRO A 10 6.82 -2.90 0.87
N GLY A 11 6.76 -4.20 0.74
CA GLY A 11 7.73 -5.04 1.40
C GLY A 11 7.20 -5.56 2.74
N ALA A 12 6.08 -5.02 3.15
CA ALA A 12 5.43 -5.44 4.36
C ALA A 12 4.09 -6.03 3.99
N GLN A 13 3.29 -6.42 4.97
CA GLN A 13 2.01 -7.00 4.70
C GLN A 13 1.05 -5.91 4.30
N HIS A 14 0.91 -5.74 3.03
CA HIS A 14 0.04 -4.75 2.48
C HIS A 14 -1.34 -5.34 2.19
N ASN A 15 -2.13 -5.40 3.25
CA ASN A 15 -3.47 -6.02 3.30
C ASN A 15 -4.55 -5.25 2.54
N CYS A 16 -4.13 -4.37 1.65
CA CYS A 16 -4.98 -3.52 0.84
C CYS A 16 -6.12 -4.34 0.18
N CYS A 17 -7.27 -3.73 0.02
CA CYS A 17 -8.44 -4.38 -0.59
C CYS A 17 -8.15 -4.91 -1.98
N SER A 18 -7.43 -4.16 -2.78
CA SER A 18 -7.01 -4.64 -4.07
C SER A 18 -5.84 -5.61 -3.87
N GLY A 19 -5.04 -5.27 -2.88
CA GLY A 19 -3.88 -6.03 -2.53
C GLY A 19 -2.65 -5.32 -3.02
N VAL A 20 -2.87 -4.34 -3.85
CA VAL A 20 -1.81 -3.62 -4.48
C VAL A 20 -1.43 -2.41 -3.65
N CYS A 21 -0.17 -2.31 -3.32
CA CYS A 21 0.35 -1.18 -2.60
C CYS A 21 1.20 -0.40 -3.57
N VAL A 22 0.73 0.76 -3.94
CA VAL A 22 1.43 1.59 -4.89
C VAL A 22 2.47 2.42 -4.15
N PRO A 23 3.77 2.20 -4.41
CA PRO A 23 4.82 2.95 -3.77
C PRO A 23 4.79 4.40 -4.23
N ILE A 24 4.60 5.30 -3.30
CA ILE A 24 4.45 6.71 -3.62
C ILE A 24 5.77 7.43 -3.46
N VAL A 25 6.28 7.42 -2.26
CA VAL A 25 7.54 8.09 -1.96
C VAL A 25 8.68 7.30 -2.56
N THR A 26 8.69 6.04 -2.23
CA THR A 26 9.70 5.08 -2.62
C THR A 26 9.07 3.74 -2.33
N ILE A 27 9.84 2.67 -2.36
CA ILE A 27 9.34 1.37 -1.94
C ILE A 27 9.27 1.29 -0.41
N PHE A 28 9.56 2.39 0.24
CA PHE A 28 9.53 2.45 1.66
C PHE A 28 8.20 2.98 2.16
N TYR A 29 7.43 3.61 1.28
CA TYR A 29 6.15 4.20 1.68
C TYR A 29 5.21 4.25 0.47
N GLY A 30 4.00 3.74 0.63
CA GLY A 30 3.05 3.73 -0.45
C GLY A 30 1.61 3.85 0.02
N VAL A 31 0.68 3.71 -0.90
CA VAL A 31 -0.75 3.74 -0.59
C VAL A 31 -1.44 2.63 -1.36
N CYS A 32 -2.50 2.14 -0.80
CA CYS A 32 -3.26 1.06 -1.38
C CYS A 32 -4.02 1.53 -2.59
N TYR A 33 -3.95 0.72 -3.62
CA TYR A 33 -4.63 0.97 -4.87
C TYR A 33 -6.13 0.91 -4.64
N CYS A 1 -9.41 -4.85 5.50
CA CYS A 1 -8.40 -4.53 4.49
C CYS A 1 -8.25 -3.03 4.38
N LEU A 2 -7.07 -2.58 3.95
CA LEU A 2 -6.83 -1.17 3.74
C LEU A 2 -7.40 -0.78 2.40
N GLU A 3 -8.24 0.21 2.39
CA GLU A 3 -8.89 0.64 1.18
C GLU A 3 -8.00 1.50 0.31
N SER A 4 -8.46 1.76 -0.88
CA SER A 4 -7.78 2.58 -1.84
C SER A 4 -7.41 3.96 -1.24
N GLY A 5 -6.15 4.33 -1.34
CA GLY A 5 -5.72 5.60 -0.82
C GLY A 5 -5.13 5.49 0.57
N THR A 6 -5.42 4.40 1.27
CA THR A 6 -4.89 4.19 2.61
C THR A 6 -3.43 3.81 2.47
N SER A 7 -2.64 4.10 3.44
CA SER A 7 -1.23 3.94 3.31
C SER A 7 -0.79 2.51 3.64
N CYS A 8 0.16 2.04 2.90
CA CYS A 8 0.72 0.74 3.08
C CYS A 8 2.21 0.82 2.93
N ILE A 9 2.87 -0.22 3.29
CA ILE A 9 4.29 -0.29 3.15
C ILE A 9 4.60 -1.37 2.13
N PRO A 10 5.11 -0.98 0.95
CA PRO A 10 5.48 -1.92 -0.10
C PRO A 10 6.55 -2.89 0.40
N GLY A 11 6.40 -4.15 0.08
CA GLY A 11 7.36 -5.15 0.56
C GLY A 11 6.95 -5.74 1.89
N ALA A 12 6.18 -4.99 2.64
CA ALA A 12 5.71 -5.42 3.93
C ALA A 12 4.31 -5.97 3.78
N GLN A 13 3.65 -6.21 4.90
CA GLN A 13 2.28 -6.66 4.90
C GLN A 13 1.38 -5.56 4.34
N HIS A 14 0.98 -5.72 3.12
CA HIS A 14 0.13 -4.76 2.47
C HIS A 14 -1.28 -5.31 2.31
N ASN A 15 -2.01 -5.25 3.42
CA ASN A 15 -3.37 -5.80 3.62
C ASN A 15 -4.47 -5.06 2.84
N CYS A 16 -4.08 -4.31 1.84
CA CYS A 16 -4.99 -3.52 1.02
C CYS A 16 -6.11 -4.40 0.43
N CYS A 17 -7.28 -3.81 0.23
CA CYS A 17 -8.43 -4.52 -0.33
C CYS A 17 -8.14 -5.02 -1.74
N SER A 18 -7.51 -4.19 -2.56
CA SER A 18 -7.08 -4.61 -3.89
C SER A 18 -5.85 -5.53 -3.75
N GLY A 19 -5.14 -5.34 -2.67
CA GLY A 19 -3.95 -6.11 -2.37
C GLY A 19 -2.71 -5.44 -2.90
N VAL A 20 -2.92 -4.46 -3.74
CA VAL A 20 -1.85 -3.77 -4.41
C VAL A 20 -1.46 -2.53 -3.63
N CYS A 21 -0.19 -2.40 -3.40
CA CYS A 21 0.34 -1.25 -2.73
C CYS A 21 1.14 -0.47 -3.77
N VAL A 22 0.85 0.79 -3.88
CA VAL A 22 1.52 1.64 -4.84
C VAL A 22 2.54 2.51 -4.10
N PRO A 23 3.85 2.29 -4.35
CA PRO A 23 4.91 3.07 -3.73
C PRO A 23 4.85 4.53 -4.17
N ILE A 24 4.66 5.42 -3.22
CA ILE A 24 4.50 6.84 -3.50
C ILE A 24 5.79 7.60 -3.24
N VAL A 25 6.34 7.40 -2.06
CA VAL A 25 7.60 8.06 -1.71
C VAL A 25 8.74 7.24 -2.26
N THR A 26 8.71 6.00 -1.90
CA THR A 26 9.71 5.01 -2.25
C THR A 26 9.03 3.68 -2.03
N ILE A 27 9.77 2.60 -2.07
CA ILE A 27 9.23 1.29 -1.72
C ILE A 27 9.08 1.17 -0.19
N PHE A 28 9.34 2.25 0.51
CA PHE A 28 9.24 2.25 1.94
C PHE A 28 7.90 2.86 2.38
N TYR A 29 7.21 3.53 1.47
CA TYR A 29 5.93 4.15 1.82
C TYR A 29 5.06 4.27 0.59
N GLY A 30 3.84 3.80 0.68
CA GLY A 30 2.95 3.86 -0.43
C GLY A 30 1.52 3.90 0.00
N VAL A 31 0.61 3.79 -0.95
CA VAL A 31 -0.81 3.77 -0.68
C VAL A 31 -1.46 2.64 -1.44
N CYS A 32 -2.50 2.10 -0.89
CA CYS A 32 -3.24 1.03 -1.48
C CYS A 32 -3.93 1.48 -2.74
N TYR A 33 -3.87 0.62 -3.74
CA TYR A 33 -4.45 0.85 -5.03
C TYR A 33 -5.96 0.96 -4.91
N CYS A 1 -9.59 -4.59 5.54
CA CYS A 1 -8.46 -4.35 4.67
C CYS A 1 -8.20 -2.86 4.55
N LEU A 2 -7.03 -2.52 4.07
CA LEU A 2 -6.68 -1.15 3.82
C LEU A 2 -7.31 -0.72 2.51
N GLU A 3 -8.16 0.27 2.54
CA GLU A 3 -8.90 0.69 1.37
C GLU A 3 -8.03 1.46 0.37
N SER A 4 -8.56 1.67 -0.81
CA SER A 4 -7.83 2.36 -1.85
C SER A 4 -7.52 3.78 -1.42
N GLY A 5 -6.25 4.09 -1.29
CA GLY A 5 -5.86 5.36 -0.80
C GLY A 5 -5.22 5.27 0.56
N THR A 6 -5.49 4.20 1.29
CA THR A 6 -4.88 4.02 2.61
C THR A 6 -3.40 3.75 2.41
N SER A 7 -2.60 4.16 3.32
CA SER A 7 -1.20 3.99 3.22
C SER A 7 -0.81 2.55 3.56
N CYS A 8 0.21 2.07 2.89
CA CYS A 8 0.74 0.75 3.10
C CYS A 8 2.23 0.82 3.01
N ILE A 9 2.87 -0.24 3.36
CA ILE A 9 4.30 -0.32 3.31
C ILE A 9 4.69 -1.35 2.26
N PRO A 10 5.26 -0.92 1.14
CA PRO A 10 5.70 -1.81 0.09
C PRO A 10 6.81 -2.75 0.59
N GLY A 11 6.54 -4.04 0.51
CA GLY A 11 7.50 -5.02 0.97
C GLY A 11 7.08 -5.62 2.28
N ALA A 12 6.05 -5.05 2.87
CA ALA A 12 5.51 -5.55 4.12
C ALA A 12 4.15 -6.15 3.85
N GLN A 13 3.40 -6.46 4.91
CA GLN A 13 2.09 -7.07 4.77
C GLN A 13 1.06 -6.05 4.31
N HIS A 14 0.97 -5.89 3.02
CA HIS A 14 0.08 -4.92 2.44
C HIS A 14 -1.32 -5.51 2.18
N ASN A 15 -2.07 -5.54 3.25
CA ASN A 15 -3.43 -6.13 3.36
C ASN A 15 -4.52 -5.34 2.63
N CYS A 16 -4.12 -4.49 1.71
CA CYS A 16 -5.01 -3.61 0.95
C CYS A 16 -6.20 -4.37 0.35
N CYS A 17 -7.33 -3.70 0.22
CA CYS A 17 -8.56 -4.26 -0.33
C CYS A 17 -8.39 -4.68 -1.79
N SER A 18 -7.51 -3.99 -2.49
CA SER A 18 -7.17 -4.33 -3.85
C SER A 18 -5.95 -5.23 -3.86
N GLY A 19 -5.32 -5.33 -2.70
CA GLY A 19 -4.11 -6.12 -2.50
C GLY A 19 -2.86 -5.38 -2.94
N VAL A 20 -3.04 -4.40 -3.79
CA VAL A 20 -1.94 -3.69 -4.39
C VAL A 20 -1.52 -2.51 -3.53
N CYS A 21 -0.25 -2.43 -3.28
CA CYS A 21 0.35 -1.35 -2.57
C CYS A 21 1.18 -0.59 -3.56
N VAL A 22 0.84 0.64 -3.82
CA VAL A 22 1.53 1.44 -4.78
C VAL A 22 2.56 2.31 -4.06
N PRO A 23 3.87 2.10 -4.31
CA PRO A 23 4.92 2.92 -3.72
C PRO A 23 4.82 4.35 -4.22
N ILE A 24 4.63 5.27 -3.30
CA ILE A 24 4.43 6.67 -3.66
C ILE A 24 5.68 7.47 -3.35
N VAL A 25 6.10 7.42 -2.10
CA VAL A 25 7.27 8.17 -1.68
C VAL A 25 8.50 7.50 -2.25
N THR A 26 8.58 6.24 -1.99
CA THR A 26 9.67 5.39 -2.36
C THR A 26 9.13 3.99 -2.23
N ILE A 27 9.99 3.01 -2.23
CA ILE A 27 9.60 1.63 -1.99
C ILE A 27 9.43 1.39 -0.48
N PHE A 28 9.57 2.44 0.31
CA PHE A 28 9.47 2.36 1.75
C PHE A 28 8.10 2.81 2.23
N TYR A 29 7.39 3.58 1.42
CA TYR A 29 6.10 4.12 1.84
C TYR A 29 5.20 4.30 0.62
N GLY A 30 3.99 3.80 0.69
CA GLY A 30 3.07 3.92 -0.41
C GLY A 30 1.64 3.91 0.04
N VAL A 31 0.72 3.78 -0.90
CA VAL A 31 -0.70 3.72 -0.61
C VAL A 31 -1.36 2.64 -1.47
N CYS A 32 -2.40 2.06 -0.95
CA CYS A 32 -3.16 1.02 -1.60
C CYS A 32 -3.81 1.55 -2.85
N TYR A 33 -3.80 0.73 -3.87
CA TYR A 33 -4.36 1.02 -5.16
C TYR A 33 -5.87 1.22 -5.06
N CYS A 1 -9.43 -4.59 5.39
CA CYS A 1 -8.42 -4.35 4.38
C CYS A 1 -8.23 -2.86 4.22
N LEU A 2 -7.04 -2.45 3.85
CA LEU A 2 -6.77 -1.05 3.62
C LEU A 2 -7.35 -0.65 2.27
N GLU A 3 -8.14 0.36 2.28
CA GLU A 3 -8.81 0.83 1.10
C GLU A 3 -7.94 1.74 0.24
N SER A 4 -8.41 2.04 -0.96
CA SER A 4 -7.71 2.88 -1.91
C SER A 4 -7.35 4.25 -1.30
N GLY A 5 -6.07 4.52 -1.20
CA GLY A 5 -5.62 5.77 -0.63
C GLY A 5 -5.04 5.62 0.76
N THR A 6 -5.37 4.52 1.43
CA THR A 6 -4.84 4.27 2.75
C THR A 6 -3.39 3.83 2.58
N SER A 7 -2.56 4.16 3.52
CA SER A 7 -1.16 3.93 3.36
C SER A 7 -0.77 2.51 3.70
N CYS A 8 0.15 2.00 2.96
CA CYS A 8 0.68 0.68 3.13
C CYS A 8 2.17 0.74 2.93
N ILE A 9 2.81 -0.34 3.21
CA ILE A 9 4.23 -0.43 3.06
C ILE A 9 4.55 -1.48 2.00
N PRO A 10 5.09 -1.07 0.85
CA PRO A 10 5.51 -1.98 -0.21
C PRO A 10 6.64 -2.89 0.29
N GLY A 11 6.50 -4.19 0.11
CA GLY A 11 7.51 -5.10 0.60
C GLY A 11 7.20 -5.62 2.00
N ALA A 12 6.11 -5.15 2.56
CA ALA A 12 5.66 -5.59 3.86
C ALA A 12 4.26 -6.17 3.74
N GLN A 13 3.59 -6.29 4.87
CA GLN A 13 2.25 -6.82 4.93
C GLN A 13 1.26 -5.76 4.43
N HIS A 14 1.02 -5.75 3.15
CA HIS A 14 0.10 -4.80 2.58
C HIS A 14 -1.29 -5.39 2.40
N ASN A 15 -2.08 -5.20 3.42
CA ASN A 15 -3.43 -5.77 3.57
C ASN A 15 -4.50 -5.02 2.76
N CYS A 16 -4.07 -4.25 1.77
CA CYS A 16 -4.96 -3.45 0.91
C CYS A 16 -6.09 -4.33 0.33
N CYS A 17 -7.26 -3.76 0.14
CA CYS A 17 -8.43 -4.49 -0.38
C CYS A 17 -8.16 -5.10 -1.77
N SER A 18 -7.42 -4.40 -2.59
CA SER A 18 -7.01 -4.93 -3.87
C SER A 18 -5.82 -5.87 -3.64
N GLY A 19 -4.98 -5.47 -2.71
CA GLY A 19 -3.80 -6.21 -2.34
C GLY A 19 -2.58 -5.53 -2.88
N VAL A 20 -2.81 -4.59 -3.76
CA VAL A 20 -1.74 -3.89 -4.42
C VAL A 20 -1.38 -2.64 -3.62
N CYS A 21 -0.13 -2.50 -3.31
CA CYS A 21 0.36 -1.36 -2.60
C CYS A 21 1.22 -0.55 -3.54
N VAL A 22 0.80 0.64 -3.85
CA VAL A 22 1.49 1.47 -4.81
C VAL A 22 2.48 2.39 -4.10
N PRO A 23 3.79 2.23 -4.38
CA PRO A 23 4.83 3.06 -3.78
C PRO A 23 4.67 4.54 -4.16
N ILE A 24 4.63 5.41 -3.17
CA ILE A 24 4.42 6.83 -3.42
C ILE A 24 5.72 7.59 -3.19
N VAL A 25 6.27 7.49 -2.00
CA VAL A 25 7.53 8.16 -1.70
C VAL A 25 8.65 7.33 -2.28
N THR A 26 8.65 6.10 -1.91
CA THR A 26 9.62 5.13 -2.29
C THR A 26 8.98 3.80 -2.07
N ILE A 27 9.74 2.76 -2.12
CA ILE A 27 9.25 1.43 -1.80
C ILE A 27 9.05 1.28 -0.28
N PHE A 28 9.27 2.34 0.47
CA PHE A 28 9.13 2.30 1.91
C PHE A 28 7.79 2.88 2.35
N TYR A 29 7.12 3.60 1.46
CA TYR A 29 5.85 4.20 1.81
C TYR A 29 4.99 4.26 0.57
N GLY A 30 3.79 3.77 0.68
CA GLY A 30 2.91 3.77 -0.43
C GLY A 30 1.48 3.83 0.00
N VAL A 31 0.58 3.77 -0.94
CA VAL A 31 -0.83 3.77 -0.66
C VAL A 31 -1.49 2.66 -1.43
N CYS A 32 -2.52 2.14 -0.84
CA CYS A 32 -3.26 1.06 -1.39
C CYS A 32 -3.97 1.43 -2.68
N TYR A 33 -3.88 0.52 -3.62
CA TYR A 33 -4.48 0.62 -4.91
C TYR A 33 -5.99 0.64 -4.76
N CYS A 1 -9.62 -4.91 5.11
CA CYS A 1 -8.55 -4.62 4.17
C CYS A 1 -8.29 -3.13 4.19
N LEU A 2 -7.10 -2.73 3.77
CA LEU A 2 -6.78 -1.31 3.67
C LEU A 2 -7.42 -0.79 2.40
N GLU A 3 -8.19 0.25 2.52
CA GLU A 3 -8.95 0.77 1.40
C GLU A 3 -8.07 1.61 0.48
N SER A 4 -8.61 1.95 -0.66
CA SER A 4 -7.95 2.79 -1.63
C SER A 4 -7.56 4.13 -1.00
N GLY A 5 -6.28 4.38 -0.89
CA GLY A 5 -5.82 5.61 -0.33
C GLY A 5 -5.18 5.44 1.04
N THR A 6 -5.41 4.31 1.68
CA THR A 6 -4.78 4.05 2.96
C THR A 6 -3.31 3.74 2.69
N SER A 7 -2.46 4.07 3.61
CA SER A 7 -1.06 3.92 3.39
C SER A 7 -0.62 2.50 3.69
N CYS A 8 0.25 2.02 2.85
CA CYS A 8 0.79 0.72 2.99
C CYS A 8 2.27 0.79 2.86
N ILE A 9 2.91 -0.26 3.22
CA ILE A 9 4.32 -0.32 3.13
C ILE A 9 4.67 -1.42 2.14
N PRO A 10 5.21 -1.05 0.98
CA PRO A 10 5.64 -2.01 -0.03
C PRO A 10 6.74 -2.91 0.55
N GLY A 11 6.49 -4.19 0.60
CA GLY A 11 7.43 -5.11 1.17
C GLY A 11 6.89 -5.70 2.46
N ALA A 12 6.09 -4.92 3.16
CA ALA A 12 5.51 -5.36 4.40
C ALA A 12 4.09 -5.87 4.16
N GLN A 13 3.31 -6.02 5.22
CA GLN A 13 1.96 -6.52 5.15
C GLN A 13 1.02 -5.52 4.48
N HIS A 14 0.96 -5.56 3.18
CA HIS A 14 0.09 -4.68 2.43
C HIS A 14 -1.24 -5.35 2.16
N ASN A 15 -2.07 -5.31 3.17
CA ASN A 15 -3.38 -5.98 3.28
C ASN A 15 -4.50 -5.22 2.53
N CYS A 16 -4.11 -4.35 1.63
CA CYS A 16 -5.00 -3.54 0.80
C CYS A 16 -6.12 -4.38 0.17
N CYS A 17 -7.26 -3.77 -0.05
CA CYS A 17 -8.43 -4.46 -0.63
C CYS A 17 -8.11 -5.02 -2.02
N SER A 18 -7.41 -4.26 -2.84
CA SER A 18 -6.97 -4.76 -4.12
C SER A 18 -5.76 -5.67 -3.89
N GLY A 19 -5.05 -5.38 -2.82
CA GLY A 19 -3.85 -6.11 -2.45
C GLY A 19 -2.64 -5.40 -2.94
N VAL A 20 -2.88 -4.47 -3.83
CA VAL A 20 -1.84 -3.74 -4.50
C VAL A 20 -1.44 -2.52 -3.69
N CYS A 21 -0.17 -2.40 -3.45
CA CYS A 21 0.37 -1.28 -2.75
C CYS A 21 1.17 -0.47 -3.74
N VAL A 22 0.80 0.76 -3.92
CA VAL A 22 1.48 1.62 -4.87
C VAL A 22 2.50 2.47 -4.14
N PRO A 23 3.80 2.25 -4.39
CA PRO A 23 4.86 3.02 -3.76
C PRO A 23 4.80 4.48 -4.22
N ILE A 24 4.62 5.37 -3.29
CA ILE A 24 4.45 6.78 -3.61
C ILE A 24 5.77 7.51 -3.45
N VAL A 25 6.35 7.41 -2.27
CA VAL A 25 7.59 8.09 -1.99
C VAL A 25 8.73 7.27 -2.56
N THR A 26 8.73 6.03 -2.17
CA THR A 26 9.74 5.06 -2.51
C THR A 26 9.10 3.73 -2.24
N ILE A 27 9.87 2.67 -2.25
CA ILE A 27 9.38 1.36 -1.87
C ILE A 27 9.20 1.28 -0.35
N PHE A 28 9.52 2.35 0.34
CA PHE A 28 9.41 2.38 1.78
C PHE A 28 8.05 2.92 2.22
N TYR A 29 7.34 3.61 1.33
CA TYR A 29 6.05 4.20 1.69
C TYR A 29 5.15 4.26 0.46
N GLY A 30 3.93 3.76 0.61
CA GLY A 30 3.00 3.77 -0.49
C GLY A 30 1.57 3.85 -0.01
N VAL A 31 0.63 3.75 -0.93
CA VAL A 31 -0.78 3.72 -0.59
C VAL A 31 -1.47 2.61 -1.35
N CYS A 32 -2.52 2.12 -0.79
CA CYS A 32 -3.29 1.05 -1.38
C CYS A 32 -4.05 1.50 -2.59
N TYR A 33 -3.98 0.69 -3.63
CA TYR A 33 -4.64 0.90 -4.90
C TYR A 33 -6.15 0.79 -4.71
N CYS A 1 -9.40 -4.87 5.43
CA CYS A 1 -8.35 -4.55 4.48
C CYS A 1 -8.17 -3.05 4.41
N LEU A 2 -7.01 -2.60 3.99
CA LEU A 2 -6.76 -1.18 3.82
C LEU A 2 -7.41 -0.76 2.52
N GLU A 3 -8.26 0.20 2.58
CA GLU A 3 -8.98 0.66 1.42
C GLU A 3 -8.11 1.50 0.49
N SER A 4 -8.62 1.78 -0.67
CA SER A 4 -7.94 2.56 -1.68
C SER A 4 -7.55 3.95 -1.13
N GLY A 5 -6.29 4.33 -1.33
CA GLY A 5 -5.84 5.62 -0.85
C GLY A 5 -5.22 5.56 0.55
N THR A 6 -5.42 4.46 1.25
CA THR A 6 -4.85 4.28 2.57
C THR A 6 -3.38 3.95 2.38
N SER A 7 -2.56 4.24 3.35
CA SER A 7 -1.15 4.05 3.18
C SER A 7 -0.76 2.63 3.53
N CYS A 8 0.17 2.11 2.81
CA CYS A 8 0.68 0.81 3.02
C CYS A 8 2.17 0.84 2.89
N ILE A 9 2.79 -0.21 3.29
CA ILE A 9 4.20 -0.33 3.18
C ILE A 9 4.51 -1.37 2.13
N PRO A 10 5.01 -0.94 0.97
CA PRO A 10 5.37 -1.84 -0.11
C PRO A 10 6.45 -2.81 0.35
N GLY A 11 6.30 -4.06 -0.01
CA GLY A 11 7.27 -5.06 0.40
C GLY A 11 6.96 -5.66 1.75
N ALA A 12 6.10 -5.02 2.50
CA ALA A 12 5.71 -5.48 3.81
C ALA A 12 4.29 -6.05 3.72
N GLN A 13 3.56 -6.03 4.83
CA GLN A 13 2.24 -6.58 4.90
C GLN A 13 1.22 -5.59 4.36
N HIS A 14 1.10 -5.56 3.07
CA HIS A 14 0.20 -4.65 2.41
C HIS A 14 -1.16 -5.29 2.23
N ASN A 15 -1.90 -5.24 3.31
CA ASN A 15 -3.21 -5.86 3.50
C ASN A 15 -4.36 -5.10 2.81
N CYS A 16 -4.01 -4.27 1.85
CA CYS A 16 -4.95 -3.48 1.05
C CYS A 16 -6.06 -4.36 0.46
N CYS A 17 -7.22 -3.77 0.21
CA CYS A 17 -8.36 -4.50 -0.34
C CYS A 17 -8.05 -5.09 -1.72
N SER A 18 -7.41 -4.29 -2.59
CA SER A 18 -6.98 -4.78 -3.89
C SER A 18 -5.73 -5.65 -3.70
N GLY A 19 -5.04 -5.39 -2.60
CA GLY A 19 -3.84 -6.11 -2.27
C GLY A 19 -2.63 -5.41 -2.83
N VAL A 20 -2.86 -4.48 -3.70
CA VAL A 20 -1.79 -3.80 -4.40
C VAL A 20 -1.40 -2.54 -3.65
N CYS A 21 -0.14 -2.39 -3.41
CA CYS A 21 0.37 -1.24 -2.76
C CYS A 21 1.18 -0.47 -3.77
N VAL A 22 0.86 0.78 -3.94
CA VAL A 22 1.52 1.63 -4.89
C VAL A 22 2.55 2.48 -4.15
N PRO A 23 3.86 2.22 -4.35
CA PRO A 23 4.93 2.97 -3.71
C PRO A 23 4.91 4.43 -4.14
N ILE A 24 4.75 5.31 -3.19
CA ILE A 24 4.64 6.72 -3.46
C ILE A 24 5.97 7.41 -3.21
N VAL A 25 6.41 7.39 -1.95
CA VAL A 25 7.67 8.02 -1.59
C VAL A 25 8.80 7.18 -2.12
N THR A 26 8.74 5.94 -1.79
CA THR A 26 9.72 4.94 -2.14
C THR A 26 9.02 3.63 -1.95
N ILE A 27 9.77 2.55 -1.97
CA ILE A 27 9.22 1.24 -1.65
C ILE A 27 9.00 1.11 -0.14
N PHE A 28 9.28 2.17 0.60
CA PHE A 28 9.12 2.16 2.04
C PHE A 28 7.79 2.78 2.45
N TYR A 29 7.11 3.45 1.52
CA TYR A 29 5.85 4.09 1.85
C TYR A 29 5.02 4.26 0.58
N GLY A 30 3.78 3.83 0.63
CA GLY A 30 2.92 3.94 -0.51
C GLY A 30 1.48 3.96 -0.10
N VAL A 31 0.59 3.85 -1.07
CA VAL A 31 -0.84 3.81 -0.79
C VAL A 31 -1.48 2.64 -1.52
N CYS A 32 -2.55 2.16 -0.97
CA CYS A 32 -3.29 1.07 -1.52
C CYS A 32 -3.99 1.48 -2.79
N TYR A 33 -3.90 0.63 -3.77
CA TYR A 33 -4.47 0.84 -5.05
C TYR A 33 -5.99 0.87 -4.93
N CYS A 1 -9.93 -4.55 5.08
CA CYS A 1 -8.72 -4.35 4.29
C CYS A 1 -8.39 -2.87 4.26
N LEU A 2 -7.19 -2.52 3.83
CA LEU A 2 -6.85 -1.14 3.67
C LEU A 2 -7.39 -0.70 2.33
N GLU A 3 -8.22 0.29 2.32
CA GLU A 3 -8.91 0.70 1.12
C GLU A 3 -8.05 1.63 0.27
N SER A 4 -8.51 1.88 -0.94
CA SER A 4 -7.82 2.72 -1.89
C SER A 4 -7.48 4.08 -1.29
N GLY A 5 -6.21 4.38 -1.22
CA GLY A 5 -5.78 5.63 -0.66
C GLY A 5 -5.19 5.51 0.72
N THR A 6 -5.46 4.40 1.40
CA THR A 6 -4.90 4.17 2.72
C THR A 6 -3.43 3.88 2.54
N SER A 7 -2.65 4.22 3.47
CA SER A 7 -1.24 4.09 3.34
C SER A 7 -0.80 2.68 3.70
N CYS A 8 0.18 2.19 3.01
CA CYS A 8 0.71 0.87 3.22
C CYS A 8 2.21 0.89 3.08
N ILE A 9 2.81 -0.20 3.40
CA ILE A 9 4.23 -0.36 3.28
C ILE A 9 4.52 -1.41 2.23
N PRO A 10 5.05 -1.00 1.07
CA PRO A 10 5.45 -1.93 0.04
C PRO A 10 6.61 -2.79 0.54
N GLY A 11 6.43 -4.09 0.48
CA GLY A 11 7.44 -4.99 0.96
C GLY A 11 6.99 -5.68 2.21
N ALA A 12 6.19 -4.99 2.98
CA ALA A 12 5.65 -5.52 4.20
C ALA A 12 4.23 -6.00 3.97
N GLN A 13 3.53 -6.36 5.03
CA GLN A 13 2.17 -6.87 4.94
C GLN A 13 1.19 -5.78 4.50
N HIS A 14 1.00 -5.69 3.21
CA HIS A 14 0.12 -4.73 2.63
C HIS A 14 -1.28 -5.32 2.39
N ASN A 15 -2.06 -5.30 3.45
CA ASN A 15 -3.42 -5.88 3.56
C ASN A 15 -4.50 -5.10 2.78
N CYS A 16 -4.06 -4.29 1.83
CA CYS A 16 -4.92 -3.48 0.96
C CYS A 16 -6.01 -4.36 0.32
N CYS A 17 -7.15 -3.75 0.02
CA CYS A 17 -8.29 -4.48 -0.56
C CYS A 17 -7.93 -5.13 -1.89
N SER A 18 -7.21 -4.41 -2.73
CA SER A 18 -6.75 -4.95 -4.00
C SER A 18 -5.53 -5.82 -3.77
N GLY A 19 -4.89 -5.59 -2.63
CA GLY A 19 -3.68 -6.26 -2.28
C GLY A 19 -2.48 -5.57 -2.90
N VAL A 20 -2.74 -4.50 -3.63
CA VAL A 20 -1.72 -3.77 -4.33
C VAL A 20 -1.36 -2.52 -3.55
N CYS A 21 -0.11 -2.35 -3.27
CA CYS A 21 0.40 -1.19 -2.59
C CYS A 21 1.22 -0.38 -3.57
N VAL A 22 0.78 0.82 -3.84
CA VAL A 22 1.41 1.71 -4.79
C VAL A 22 2.44 2.58 -4.07
N PRO A 23 3.72 2.49 -4.48
CA PRO A 23 4.79 3.28 -3.87
C PRO A 23 4.59 4.77 -4.13
N ILE A 24 4.62 5.56 -3.07
CA ILE A 24 4.41 7.00 -3.18
C ILE A 24 5.70 7.74 -2.86
N VAL A 25 6.30 7.42 -1.73
CA VAL A 25 7.54 8.06 -1.36
C VAL A 25 8.66 7.35 -2.08
N THR A 26 8.66 6.07 -1.93
CA THR A 26 9.64 5.16 -2.47
C THR A 26 8.99 3.81 -2.43
N ILE A 27 9.73 2.75 -2.69
CA ILE A 27 9.19 1.40 -2.57
C ILE A 27 9.12 0.99 -1.09
N PHE A 28 9.33 1.95 -0.21
CA PHE A 28 9.32 1.72 1.21
C PHE A 28 8.04 2.27 1.85
N TYR A 29 7.34 3.16 1.16
CA TYR A 29 6.13 3.76 1.71
C TYR A 29 5.17 4.10 0.56
N GLY A 30 3.93 3.68 0.68
CA GLY A 30 2.99 3.91 -0.39
C GLY A 30 1.55 3.94 0.08
N VAL A 31 0.63 3.80 -0.85
CA VAL A 31 -0.79 3.77 -0.56
C VAL A 31 -1.46 2.65 -1.35
N CYS A 32 -2.52 2.15 -0.81
CA CYS A 32 -3.26 1.07 -1.39
C CYS A 32 -3.99 1.50 -2.66
N TYR A 33 -3.88 0.67 -3.66
CA TYR A 33 -4.50 0.87 -4.94
C TYR A 33 -5.99 0.63 -4.84
N CYS A 1 -9.64 -4.72 5.31
CA CYS A 1 -8.53 -4.45 4.40
C CYS A 1 -8.33 -2.96 4.29
N LEU A 2 -7.14 -2.54 3.90
CA LEU A 2 -6.86 -1.12 3.70
C LEU A 2 -7.47 -0.70 2.38
N GLU A 3 -8.24 0.36 2.40
CA GLU A 3 -8.95 0.81 1.22
C GLU A 3 -8.01 1.60 0.30
N SER A 4 -8.51 1.88 -0.88
CA SER A 4 -7.85 2.68 -1.86
C SER A 4 -7.43 4.02 -1.24
N GLY A 5 -6.15 4.27 -1.19
CA GLY A 5 -5.70 5.52 -0.67
C GLY A 5 -5.09 5.40 0.71
N THR A 6 -5.38 4.33 1.42
CA THR A 6 -4.80 4.15 2.72
C THR A 6 -3.33 3.78 2.53
N SER A 7 -2.51 4.11 3.47
CA SER A 7 -1.10 3.92 3.31
C SER A 7 -0.68 2.49 3.69
N CYS A 8 0.26 1.99 2.95
CA CYS A 8 0.82 0.69 3.14
C CYS A 8 2.32 0.78 2.97
N ILE A 9 3.00 -0.29 3.24
CA ILE A 9 4.42 -0.36 3.10
C ILE A 9 4.75 -1.44 2.07
N PRO A 10 5.26 -1.04 0.90
CA PRO A 10 5.64 -1.98 -0.16
C PRO A 10 6.76 -2.93 0.31
N GLY A 11 6.44 -4.19 0.41
CA GLY A 11 7.38 -5.17 0.88
C GLY A 11 6.99 -5.74 2.23
N ALA A 12 6.09 -5.06 2.90
CA ALA A 12 5.59 -5.51 4.19
C ALA A 12 4.17 -6.01 4.01
N GLN A 13 3.43 -6.13 5.10
CA GLN A 13 2.08 -6.61 5.06
C GLN A 13 1.10 -5.57 4.51
N HIS A 14 1.01 -5.55 3.21
CA HIS A 14 0.12 -4.68 2.51
C HIS A 14 -1.25 -5.35 2.35
N ASN A 15 -2.07 -5.14 3.34
CA ASN A 15 -3.39 -5.77 3.51
C ASN A 15 -4.49 -5.05 2.73
N CYS A 16 -4.08 -4.26 1.75
CA CYS A 16 -4.97 -3.48 0.90
C CYS A 16 -6.08 -4.36 0.31
N CYS A 17 -7.26 -3.79 0.10
CA CYS A 17 -8.41 -4.52 -0.46
C CYS A 17 -8.11 -5.08 -1.84
N SER A 18 -7.45 -4.28 -2.67
CA SER A 18 -7.02 -4.74 -3.97
C SER A 18 -5.80 -5.65 -3.80
N GLY A 19 -5.07 -5.36 -2.73
CA GLY A 19 -3.87 -6.09 -2.38
C GLY A 19 -2.66 -5.38 -2.89
N VAL A 20 -2.88 -4.42 -3.76
CA VAL A 20 -1.81 -3.71 -4.41
C VAL A 20 -1.40 -2.49 -3.60
N CYS A 21 -0.12 -2.39 -3.35
CA CYS A 21 0.44 -1.28 -2.65
C CYS A 21 1.28 -0.49 -3.64
N VAL A 22 0.86 0.71 -3.92
CA VAL A 22 1.53 1.54 -4.89
C VAL A 22 2.58 2.39 -4.18
N PRO A 23 3.86 2.25 -4.55
CA PRO A 23 4.94 3.03 -3.97
C PRO A 23 4.77 4.53 -4.28
N ILE A 24 4.66 5.32 -3.24
CA ILE A 24 4.40 6.74 -3.38
C ILE A 24 5.64 7.56 -3.07
N VAL A 25 6.13 7.43 -1.87
CA VAL A 25 7.32 8.15 -1.46
C VAL A 25 8.50 7.47 -2.09
N THR A 26 8.53 6.20 -1.86
CA THR A 26 9.56 5.31 -2.26
C THR A 26 8.93 3.95 -2.23
N ILE A 27 9.72 2.90 -2.30
CA ILE A 27 9.21 1.55 -2.11
C ILE A 27 9.15 1.25 -0.61
N PHE A 28 9.39 2.27 0.19
CA PHE A 28 9.38 2.13 1.63
C PHE A 28 8.07 2.66 2.20
N TYR A 29 7.27 3.34 1.36
CA TYR A 29 6.02 3.90 1.81
C TYR A 29 5.11 4.12 0.59
N GLY A 30 3.90 3.64 0.66
CA GLY A 30 3.00 3.76 -0.44
C GLY A 30 1.56 3.82 0.00
N VAL A 31 0.65 3.69 -0.95
CA VAL A 31 -0.77 3.66 -0.66
C VAL A 31 -1.43 2.54 -1.41
N CYS A 32 -2.49 2.05 -0.86
CA CYS A 32 -3.27 0.99 -1.45
C CYS A 32 -3.99 1.47 -2.68
N TYR A 33 -3.97 0.63 -3.69
CA TYR A 33 -4.59 0.91 -4.95
C TYR A 33 -6.11 0.88 -4.83
N CYS A 1 -9.40 -4.89 5.50
CA CYS A 1 -8.37 -4.55 4.54
C CYS A 1 -8.17 -3.07 4.53
N LEU A 2 -7.03 -2.61 4.02
CA LEU A 2 -6.77 -1.19 3.87
C LEU A 2 -7.44 -0.73 2.58
N GLU A 3 -8.31 0.24 2.68
CA GLU A 3 -9.02 0.75 1.52
C GLU A 3 -8.11 1.52 0.58
N SER A 4 -8.58 1.70 -0.62
CA SER A 4 -7.86 2.43 -1.64
C SER A 4 -7.55 3.87 -1.20
N GLY A 5 -6.27 4.22 -1.17
CA GLY A 5 -5.86 5.54 -0.72
C GLY A 5 -5.27 5.51 0.67
N THR A 6 -5.41 4.40 1.36
CA THR A 6 -4.81 4.23 2.67
C THR A 6 -3.35 3.86 2.45
N SER A 7 -2.51 4.16 3.37
CA SER A 7 -1.11 3.91 3.19
C SER A 7 -0.76 2.46 3.48
N CYS A 8 0.24 1.99 2.79
CA CYS A 8 0.77 0.68 2.97
C CYS A 8 2.28 0.76 2.86
N ILE A 9 2.92 -0.32 3.14
CA ILE A 9 4.35 -0.39 3.05
C ILE A 9 4.72 -1.46 2.04
N PRO A 10 5.29 -1.06 0.89
CA PRO A 10 5.73 -2.01 -0.13
C PRO A 10 6.83 -2.91 0.43
N GLY A 11 6.56 -4.19 0.51
CA GLY A 11 7.50 -5.12 1.08
C GLY A 11 7.03 -5.64 2.40
N ALA A 12 5.99 -5.05 2.94
CA ALA A 12 5.43 -5.49 4.18
C ALA A 12 4.07 -6.10 3.91
N GLN A 13 3.28 -6.31 4.95
CA GLN A 13 1.97 -6.88 4.80
C GLN A 13 1.01 -5.82 4.28
N HIS A 14 0.91 -5.73 2.98
CA HIS A 14 0.05 -4.77 2.34
C HIS A 14 -1.34 -5.33 2.15
N ASN A 15 -2.07 -5.32 3.24
CA ASN A 15 -3.41 -5.90 3.42
C ASN A 15 -4.52 -5.10 2.69
N CYS A 16 -4.12 -4.26 1.76
CA CYS A 16 -5.03 -3.43 0.97
C CYS A 16 -6.14 -4.27 0.36
N CYS A 17 -7.31 -3.68 0.19
CA CYS A 17 -8.47 -4.38 -0.35
C CYS A 17 -8.22 -4.87 -1.78
N SER A 18 -7.48 -4.10 -2.55
CA SER A 18 -7.08 -4.53 -3.86
C SER A 18 -5.87 -5.47 -3.74
N GLY A 19 -5.08 -5.21 -2.71
CA GLY A 19 -3.91 -6.00 -2.42
C GLY A 19 -2.68 -5.35 -2.98
N VAL A 20 -2.90 -4.39 -3.83
CA VAL A 20 -1.84 -3.71 -4.53
C VAL A 20 -1.39 -2.50 -3.75
N CYS A 21 -0.13 -2.47 -3.43
CA CYS A 21 0.46 -1.36 -2.75
C CYS A 21 1.29 -0.60 -3.76
N VAL A 22 0.96 0.65 -3.95
CA VAL A 22 1.63 1.48 -4.90
C VAL A 22 2.64 2.36 -4.18
N PRO A 23 3.94 2.20 -4.46
CA PRO A 23 4.98 3.02 -3.84
C PRO A 23 4.85 4.48 -4.28
N ILE A 24 4.61 5.35 -3.32
CA ILE A 24 4.37 6.75 -3.61
C ILE A 24 5.61 7.57 -3.31
N VAL A 25 6.14 7.38 -2.12
CA VAL A 25 7.33 8.10 -1.72
C VAL A 25 8.54 7.37 -2.25
N THR A 26 8.58 6.12 -1.95
CA THR A 26 9.63 5.20 -2.27
C THR A 26 9.03 3.83 -2.08
N ILE A 27 9.85 2.81 -2.06
CA ILE A 27 9.37 1.47 -1.73
C ILE A 27 9.23 1.35 -0.21
N PHE A 28 9.47 2.43 0.49
CA PHE A 28 9.37 2.46 1.93
C PHE A 28 8.02 2.98 2.38
N TYR A 29 7.27 3.60 1.46
CA TYR A 29 5.97 4.15 1.83
C TYR A 29 5.10 4.27 0.57
N GLY A 30 3.91 3.74 0.64
CA GLY A 30 3.04 3.78 -0.49
C GLY A 30 1.60 3.84 -0.07
N VAL A 31 0.69 3.73 -1.01
CA VAL A 31 -0.72 3.70 -0.72
C VAL A 31 -1.39 2.58 -1.49
N CYS A 32 -2.45 2.10 -0.95
CA CYS A 32 -3.24 1.06 -1.54
C CYS A 32 -3.91 1.53 -2.80
N TYR A 33 -3.84 0.69 -3.81
CA TYR A 33 -4.45 0.91 -5.09
C TYR A 33 -5.95 1.05 -4.94
N CYS A 1 -9.37 -4.91 5.50
CA CYS A 1 -8.37 -4.59 4.50
C CYS A 1 -8.23 -3.09 4.35
N LEU A 2 -7.05 -2.64 3.97
CA LEU A 2 -6.80 -1.22 3.75
C LEU A 2 -7.44 -0.82 2.43
N GLU A 3 -8.25 0.19 2.45
CA GLU A 3 -8.94 0.62 1.25
C GLU A 3 -8.03 1.47 0.36
N SER A 4 -8.49 1.74 -0.84
CA SER A 4 -7.78 2.57 -1.79
C SER A 4 -7.41 3.93 -1.18
N GLY A 5 -6.15 4.30 -1.29
CA GLY A 5 -5.70 5.56 -0.76
C GLY A 5 -5.10 5.45 0.63
N THR A 6 -5.33 4.33 1.32
CA THR A 6 -4.76 4.15 2.64
C THR A 6 -3.28 3.86 2.47
N SER A 7 -2.48 4.25 3.40
CA SER A 7 -1.07 4.09 3.28
C SER A 7 -0.66 2.69 3.68
N CYS A 8 0.22 2.14 2.92
CA CYS A 8 0.74 0.83 3.15
C CYS A 8 2.25 0.86 2.96
N ILE A 9 2.87 -0.21 3.29
CA ILE A 9 4.30 -0.32 3.14
C ILE A 9 4.59 -1.42 2.12
N PRO A 10 5.12 -1.05 0.95
CA PRO A 10 5.54 -2.01 -0.07
C PRO A 10 6.63 -2.92 0.51
N GLY A 11 6.51 -4.20 0.27
CA GLY A 11 7.48 -5.14 0.81
C GLY A 11 6.98 -5.77 2.11
N ALA A 12 6.21 -5.01 2.86
CA ALA A 12 5.64 -5.49 4.10
C ALA A 12 4.25 -6.02 3.83
N GLN A 13 3.52 -6.37 4.87
CA GLN A 13 2.18 -6.87 4.70
C GLN A 13 1.23 -5.76 4.32
N HIS A 14 0.93 -5.69 3.07
CA HIS A 14 0.03 -4.70 2.54
C HIS A 14 -1.34 -5.31 2.30
N ASN A 15 -2.10 -5.34 3.38
CA ASN A 15 -3.44 -5.97 3.49
C ASN A 15 -4.54 -5.24 2.71
N CYS A 16 -4.15 -4.39 1.78
CA CYS A 16 -5.08 -3.59 0.98
C CYS A 16 -6.20 -4.46 0.37
N CYS A 17 -7.40 -3.90 0.24
CA CYS A 17 -8.55 -4.62 -0.33
C CYS A 17 -8.26 -5.06 -1.76
N SER A 18 -7.61 -4.20 -2.51
CA SER A 18 -7.15 -4.53 -3.84
C SER A 18 -5.96 -5.48 -3.72
N GLY A 19 -5.16 -5.23 -2.71
CA GLY A 19 -4.00 -6.03 -2.40
C GLY A 19 -2.75 -5.36 -2.89
N VAL A 20 -2.94 -4.44 -3.77
CA VAL A 20 -1.86 -3.76 -4.43
C VAL A 20 -1.50 -2.51 -3.65
N CYS A 21 -0.25 -2.38 -3.35
CA CYS A 21 0.27 -1.24 -2.66
C CYS A 21 1.13 -0.48 -3.64
N VAL A 22 0.77 0.73 -3.93
CA VAL A 22 1.47 1.53 -4.88
C VAL A 22 2.50 2.40 -4.15
N PRO A 23 3.79 2.21 -4.42
CA PRO A 23 4.85 2.99 -3.78
C PRO A 23 4.78 4.46 -4.22
N ILE A 24 4.77 5.36 -3.26
CA ILE A 24 4.60 6.76 -3.56
C ILE A 24 5.91 7.51 -3.33
N VAL A 25 6.38 7.52 -2.09
CA VAL A 25 7.62 8.19 -1.75
C VAL A 25 8.78 7.38 -2.28
N THR A 26 8.76 6.14 -1.95
CA THR A 26 9.76 5.18 -2.28
C THR A 26 9.07 3.85 -2.11
N ILE A 27 9.81 2.77 -2.07
CA ILE A 27 9.22 1.49 -1.74
C ILE A 27 9.05 1.36 -0.22
N PHE A 28 9.41 2.41 0.51
CA PHE A 28 9.33 2.41 1.94
C PHE A 28 8.01 3.00 2.42
N TYR A 29 7.24 3.57 1.48
CA TYR A 29 5.96 4.19 1.82
C TYR A 29 5.09 4.24 0.56
N GLY A 30 3.88 3.77 0.66
CA GLY A 30 2.99 3.78 -0.47
C GLY A 30 1.55 3.89 -0.04
N VAL A 31 0.64 3.77 -0.99
CA VAL A 31 -0.79 3.78 -0.72
C VAL A 31 -1.45 2.66 -1.50
N CYS A 32 -2.48 2.12 -0.94
CA CYS A 32 -3.22 1.04 -1.56
C CYS A 32 -3.91 1.50 -2.82
N TYR A 33 -3.87 0.65 -3.83
CA TYR A 33 -4.50 0.89 -5.10
C TYR A 33 -6.01 0.98 -4.93
N CYS A 1 -9.21 -4.85 5.74
CA CYS A 1 -8.26 -4.58 4.69
C CYS A 1 -8.10 -3.09 4.55
N LEU A 2 -6.97 -2.65 4.03
CA LEU A 2 -6.74 -1.23 3.82
C LEU A 2 -7.39 -0.81 2.51
N GLU A 3 -8.29 0.13 2.57
CA GLU A 3 -9.01 0.58 1.37
C GLU A 3 -8.11 1.40 0.44
N SER A 4 -8.58 1.67 -0.73
CA SER A 4 -7.86 2.44 -1.72
C SER A 4 -7.50 3.84 -1.18
N GLY A 5 -6.23 4.20 -1.30
CA GLY A 5 -5.79 5.50 -0.83
C GLY A 5 -5.17 5.44 0.55
N THR A 6 -5.39 4.34 1.26
CA THR A 6 -4.81 4.18 2.59
C THR A 6 -3.33 3.89 2.41
N SER A 7 -2.53 4.29 3.33
CA SER A 7 -1.13 4.11 3.22
C SER A 7 -0.75 2.69 3.60
N CYS A 8 0.15 2.14 2.84
CA CYS A 8 0.66 0.83 3.03
C CYS A 8 2.16 0.87 2.87
N ILE A 9 2.79 -0.21 3.18
CA ILE A 9 4.21 -0.30 3.06
C ILE A 9 4.54 -1.39 2.03
N PRO A 10 5.11 -1.00 0.88
CA PRO A 10 5.53 -1.96 -0.15
C PRO A 10 6.59 -2.90 0.41
N GLY A 11 6.42 -4.18 0.17
CA GLY A 11 7.36 -5.16 0.70
C GLY A 11 6.91 -5.73 2.03
N ALA A 12 6.10 -4.98 2.75
CA ALA A 12 5.57 -5.41 4.02
C ALA A 12 4.22 -6.05 3.78
N GLN A 13 3.50 -6.36 4.83
CA GLN A 13 2.19 -6.94 4.69
C GLN A 13 1.18 -5.89 4.27
N HIS A 14 0.97 -5.80 3.00
CA HIS A 14 0.05 -4.82 2.47
C HIS A 14 -1.32 -5.41 2.26
N ASN A 15 -2.07 -5.41 3.35
CA ASN A 15 -3.42 -5.98 3.50
C ASN A 15 -4.51 -5.20 2.73
N CYS A 16 -4.10 -4.38 1.78
CA CYS A 16 -5.01 -3.55 1.00
C CYS A 16 -6.16 -4.39 0.41
N CYS A 17 -7.34 -3.83 0.33
CA CYS A 17 -8.52 -4.52 -0.21
C CYS A 17 -8.30 -4.89 -1.68
N SER A 18 -7.51 -4.09 -2.36
CA SER A 18 -7.12 -4.37 -3.73
C SER A 18 -5.86 -5.23 -3.75
N GLY A 19 -5.20 -5.31 -2.60
CA GLY A 19 -3.98 -6.09 -2.42
C GLY A 19 -2.75 -5.35 -2.91
N VAL A 20 -2.96 -4.44 -3.81
CA VAL A 20 -1.88 -3.75 -4.49
C VAL A 20 -1.48 -2.51 -3.71
N CYS A 21 -0.21 -2.42 -3.41
CA CYS A 21 0.33 -1.29 -2.71
C CYS A 21 1.23 -0.53 -3.67
N VAL A 22 0.85 0.68 -3.98
CA VAL A 22 1.60 1.49 -4.92
C VAL A 22 2.61 2.36 -4.18
N PRO A 23 3.92 2.16 -4.42
CA PRO A 23 4.96 2.94 -3.77
C PRO A 23 4.91 4.41 -4.21
N ILE A 24 4.73 5.29 -3.26
CA ILE A 24 4.58 6.69 -3.58
C ILE A 24 5.89 7.44 -3.34
N VAL A 25 6.36 7.40 -2.12
CA VAL A 25 7.57 8.11 -1.76
C VAL A 25 8.79 7.34 -2.22
N THR A 26 8.80 6.11 -1.85
CA THR A 26 9.85 5.16 -2.11
C THR A 26 9.20 3.82 -1.98
N ILE A 27 9.98 2.78 -1.88
CA ILE A 27 9.45 1.46 -1.58
C ILE A 27 9.19 1.33 -0.08
N PHE A 28 9.35 2.44 0.65
CA PHE A 28 9.16 2.43 2.09
C PHE A 28 7.82 3.02 2.47
N TYR A 29 7.16 3.68 1.54
CA TYR A 29 5.87 4.28 1.82
C TYR A 29 5.04 4.33 0.54
N GLY A 30 3.83 3.85 0.62
CA GLY A 30 2.97 3.84 -0.51
C GLY A 30 1.53 3.92 -0.09
N VAL A 31 0.64 3.79 -1.05
CA VAL A 31 -0.78 3.78 -0.77
C VAL A 31 -1.43 2.65 -1.54
N CYS A 32 -2.48 2.12 -0.99
CA CYS A 32 -3.23 1.06 -1.60
C CYS A 32 -3.90 1.54 -2.87
N TYR A 33 -3.85 0.71 -3.89
CA TYR A 33 -4.44 0.93 -5.19
C TYR A 33 -5.94 1.13 -5.06
N CYS A 1 -9.70 -4.76 5.21
CA CYS A 1 -8.55 -4.47 4.37
C CYS A 1 -8.32 -2.97 4.33
N LEU A 2 -7.14 -2.57 3.90
CA LEU A 2 -6.85 -1.15 3.75
C LEU A 2 -7.45 -0.70 2.43
N GLU A 3 -8.25 0.33 2.47
CA GLU A 3 -8.95 0.78 1.30
C GLU A 3 -8.02 1.56 0.38
N SER A 4 -8.48 1.76 -0.82
CA SER A 4 -7.77 2.51 -1.82
C SER A 4 -7.46 3.93 -1.33
N GLY A 5 -6.19 4.24 -1.19
CA GLY A 5 -5.81 5.54 -0.69
C GLY A 5 -5.23 5.48 0.72
N THR A 6 -5.36 4.35 1.38
CA THR A 6 -4.80 4.18 2.71
C THR A 6 -3.32 3.89 2.54
N SER A 7 -2.52 4.24 3.49
CA SER A 7 -1.11 4.05 3.35
C SER A 7 -0.71 2.64 3.74
N CYS A 8 0.18 2.09 2.96
CA CYS A 8 0.71 0.79 3.18
C CYS A 8 2.21 0.85 3.02
N ILE A 9 2.85 -0.20 3.35
CA ILE A 9 4.26 -0.29 3.20
C ILE A 9 4.56 -1.37 2.15
N PRO A 10 5.08 -0.98 0.97
CA PRO A 10 5.42 -1.92 -0.10
C PRO A 10 6.48 -2.91 0.37
N GLY A 11 6.22 -4.18 0.17
CA GLY A 11 7.14 -5.21 0.60
C GLY A 11 6.71 -5.80 1.92
N ALA A 12 6.06 -5.00 2.73
CA ALA A 12 5.58 -5.44 4.02
C ALA A 12 4.17 -5.94 3.86
N GLN A 13 3.51 -6.24 4.98
CA GLN A 13 2.16 -6.72 4.96
C GLN A 13 1.22 -5.64 4.49
N HIS A 14 0.89 -5.72 3.24
CA HIS A 14 0.02 -4.76 2.62
C HIS A 14 -1.36 -5.34 2.41
N ASN A 15 -2.14 -5.25 3.46
CA ASN A 15 -3.49 -5.83 3.56
C ASN A 15 -4.55 -5.06 2.75
N CYS A 16 -4.08 -4.26 1.81
CA CYS A 16 -4.93 -3.46 0.93
C CYS A 16 -6.03 -4.32 0.30
N CYS A 17 -7.18 -3.74 0.06
CA CYS A 17 -8.31 -4.46 -0.51
C CYS A 17 -7.99 -5.04 -1.89
N SER A 18 -7.27 -4.28 -2.69
CA SER A 18 -6.81 -4.75 -3.97
C SER A 18 -5.58 -5.64 -3.80
N GLY A 19 -4.94 -5.47 -2.66
CA GLY A 19 -3.72 -6.18 -2.34
C GLY A 19 -2.52 -5.51 -2.96
N VAL A 20 -2.77 -4.44 -3.68
CA VAL A 20 -1.74 -3.73 -4.37
C VAL A 20 -1.35 -2.51 -3.57
N CYS A 21 -0.10 -2.42 -3.27
CA CYS A 21 0.43 -1.31 -2.58
C CYS A 21 1.28 -0.52 -3.56
N VAL A 22 0.88 0.69 -3.80
CA VAL A 22 1.53 1.55 -4.77
C VAL A 22 2.54 2.43 -4.05
N PRO A 23 3.83 2.27 -4.37
CA PRO A 23 4.90 3.07 -3.76
C PRO A 23 4.76 4.55 -4.15
N ILE A 24 4.64 5.40 -3.15
CA ILE A 24 4.42 6.81 -3.36
C ILE A 24 5.70 7.60 -3.11
N VAL A 25 6.27 7.43 -1.94
CA VAL A 25 7.50 8.13 -1.60
C VAL A 25 8.65 7.40 -2.25
N THR A 26 8.70 6.14 -1.98
CA THR A 26 9.71 5.23 -2.39
C THR A 26 9.08 3.87 -2.24
N ILE A 27 9.85 2.82 -2.36
CA ILE A 27 9.34 1.48 -2.14
C ILE A 27 9.20 1.18 -0.65
N PHE A 28 9.37 2.21 0.17
CA PHE A 28 9.31 2.08 1.61
C PHE A 28 8.02 2.67 2.16
N TYR A 29 7.26 3.36 1.31
CA TYR A 29 6.03 3.98 1.76
C TYR A 29 5.11 4.18 0.56
N GLY A 30 3.88 3.75 0.67
CA GLY A 30 2.96 3.89 -0.42
C GLY A 30 1.53 3.92 0.03
N VAL A 31 0.62 3.79 -0.91
CA VAL A 31 -0.80 3.74 -0.63
C VAL A 31 -1.43 2.59 -1.39
N CYS A 32 -2.50 2.10 -0.87
CA CYS A 32 -3.23 1.01 -1.46
C CYS A 32 -3.96 1.45 -2.72
N TYR A 33 -3.86 0.63 -3.75
CA TYR A 33 -4.52 0.84 -5.03
C TYR A 33 -6.03 0.80 -4.84
N CYS A 1 -9.21 -5.15 5.53
CA CYS A 1 -8.27 -4.79 4.50
C CYS A 1 -8.15 -3.29 4.43
N LEU A 2 -7.05 -2.80 3.87
CA LEU A 2 -6.84 -1.37 3.72
C LEU A 2 -7.52 -0.89 2.43
N GLU A 3 -8.39 0.10 2.54
CA GLU A 3 -9.13 0.62 1.38
C GLU A 3 -8.21 1.44 0.47
N SER A 4 -8.70 1.80 -0.68
CA SER A 4 -7.96 2.57 -1.65
C SER A 4 -7.49 3.91 -1.04
N GLY A 5 -6.23 4.26 -1.25
CA GLY A 5 -5.73 5.51 -0.75
C GLY A 5 -5.08 5.39 0.62
N THR A 6 -5.37 4.30 1.31
CA THR A 6 -4.81 4.06 2.62
C THR A 6 -3.32 3.80 2.49
N SER A 7 -2.59 4.16 3.47
CA SER A 7 -1.16 4.01 3.46
C SER A 7 -0.79 2.53 3.61
N CYS A 8 0.24 2.13 2.93
CA CYS A 8 0.76 0.80 3.03
C CYS A 8 2.25 0.84 2.90
N ILE A 9 2.87 -0.23 3.22
CA ILE A 9 4.30 -0.32 3.14
C ILE A 9 4.67 -1.42 2.15
N PRO A 10 5.25 -1.06 1.00
CA PRO A 10 5.71 -2.02 0.02
C PRO A 10 6.85 -2.85 0.63
N GLY A 11 6.63 -4.14 0.76
CA GLY A 11 7.61 -4.99 1.38
C GLY A 11 7.11 -5.53 2.69
N ALA A 12 6.11 -4.87 3.22
CA ALA A 12 5.48 -5.32 4.43
C ALA A 12 4.11 -5.89 4.06
N GLN A 13 3.32 -6.24 5.03
CA GLN A 13 2.02 -6.81 4.79
C GLN A 13 1.03 -5.75 4.32
N HIS A 14 0.97 -5.61 3.04
CA HIS A 14 0.06 -4.70 2.39
C HIS A 14 -1.27 -5.40 2.16
N ASN A 15 -2.05 -5.36 3.19
CA ASN A 15 -3.34 -6.03 3.33
C ASN A 15 -4.48 -5.29 2.61
N CYS A 16 -4.11 -4.42 1.67
CA CYS A 16 -5.06 -3.61 0.91
C CYS A 16 -6.17 -4.48 0.31
N CYS A 17 -7.36 -3.93 0.20
CA CYS A 17 -8.50 -4.65 -0.34
C CYS A 17 -8.24 -5.04 -1.80
N SER A 18 -7.58 -4.17 -2.52
CA SER A 18 -7.17 -4.42 -3.88
C SER A 18 -5.88 -5.25 -3.90
N GLY A 19 -5.20 -5.27 -2.74
CA GLY A 19 -3.96 -6.01 -2.56
C GLY A 19 -2.75 -5.22 -3.04
N VAL A 20 -2.99 -4.28 -3.91
CA VAL A 20 -1.94 -3.54 -4.57
C VAL A 20 -1.52 -2.34 -3.73
N CYS A 21 -0.28 -2.30 -3.39
CA CYS A 21 0.30 -1.21 -2.70
C CYS A 21 1.11 -0.43 -3.70
N VAL A 22 0.75 0.81 -3.91
CA VAL A 22 1.43 1.64 -4.88
C VAL A 22 2.44 2.52 -4.14
N PRO A 23 3.76 2.25 -4.30
CA PRO A 23 4.81 3.03 -3.67
C PRO A 23 4.81 4.48 -4.13
N ILE A 24 4.70 5.39 -3.20
CA ILE A 24 4.60 6.80 -3.54
C ILE A 24 5.95 7.46 -3.41
N VAL A 25 6.49 7.47 -2.21
CA VAL A 25 7.76 8.12 -1.95
C VAL A 25 8.87 7.28 -2.51
N THR A 26 8.86 6.05 -2.10
CA THR A 26 9.83 5.05 -2.47
C THR A 26 9.20 3.73 -2.15
N ILE A 27 9.97 2.67 -2.18
CA ILE A 27 9.49 1.35 -1.82
C ILE A 27 9.28 1.25 -0.30
N PHE A 28 9.51 2.34 0.40
CA PHE A 28 9.35 2.36 1.85
C PHE A 28 8.01 2.95 2.24
N TYR A 29 7.30 3.53 1.29
CA TYR A 29 6.02 4.15 1.60
C TYR A 29 5.12 4.15 0.38
N GLY A 30 3.92 3.67 0.54
CA GLY A 30 2.99 3.67 -0.55
C GLY A 30 1.57 3.78 -0.07
N VAL A 31 0.64 3.75 -0.99
CA VAL A 31 -0.77 3.77 -0.66
C VAL A 31 -1.49 2.70 -1.48
N CYS A 32 -2.52 2.15 -0.92
CA CYS A 32 -3.28 1.12 -1.56
C CYS A 32 -4.01 1.63 -2.77
N TYR A 33 -4.00 0.83 -3.82
CA TYR A 33 -4.67 1.14 -5.06
C TYR A 33 -6.17 1.26 -4.81
N CYS A 1 -9.58 -4.39 5.41
CA CYS A 1 -8.52 -4.21 4.43
C CYS A 1 -8.23 -2.73 4.29
N LEU A 2 -7.01 -2.41 3.90
CA LEU A 2 -6.64 -1.03 3.70
C LEU A 2 -7.27 -0.55 2.39
N GLU A 3 -7.98 0.54 2.47
CA GLU A 3 -8.75 1.03 1.35
C GLU A 3 -7.87 1.75 0.34
N SER A 4 -8.43 2.05 -0.80
CA SER A 4 -7.76 2.79 -1.82
C SER A 4 -7.36 4.17 -1.28
N GLY A 5 -6.08 4.39 -1.11
CA GLY A 5 -5.62 5.63 -0.57
C GLY A 5 -4.99 5.49 0.81
N THR A 6 -5.21 4.37 1.48
CA THR A 6 -4.59 4.15 2.77
C THR A 6 -3.13 3.83 2.53
N SER A 7 -2.29 4.19 3.45
CA SER A 7 -0.90 3.97 3.27
C SER A 7 -0.51 2.56 3.66
N CYS A 8 0.24 1.96 2.80
CA CYS A 8 0.76 0.65 3.00
C CYS A 8 2.25 0.73 2.89
N ILE A 9 2.89 -0.34 3.21
CA ILE A 9 4.31 -0.39 3.14
C ILE A 9 4.72 -1.41 2.09
N PRO A 10 5.26 -0.94 0.96
CA PRO A 10 5.75 -1.81 -0.12
C PRO A 10 6.86 -2.73 0.40
N GLY A 11 6.68 -4.01 0.20
CA GLY A 11 7.67 -4.96 0.68
C GLY A 11 7.21 -5.64 1.97
N ALA A 12 6.24 -5.04 2.62
CA ALA A 12 5.69 -5.57 3.84
C ALA A 12 4.33 -6.20 3.55
N GLN A 13 3.62 -6.62 4.59
CA GLN A 13 2.32 -7.20 4.41
C GLN A 13 1.30 -6.11 4.13
N HIS A 14 0.93 -6.00 2.89
CA HIS A 14 0.03 -4.97 2.43
C HIS A 14 -1.38 -5.52 2.23
N ASN A 15 -2.15 -5.44 3.30
CA ASN A 15 -3.51 -5.99 3.44
C ASN A 15 -4.58 -5.19 2.69
N CYS A 16 -4.15 -4.37 1.75
CA CYS A 16 -5.02 -3.54 0.91
C CYS A 16 -6.20 -4.36 0.35
N CYS A 17 -7.33 -3.70 0.14
CA CYS A 17 -8.55 -4.34 -0.39
C CYS A 17 -8.32 -4.92 -1.79
N SER A 18 -7.50 -4.27 -2.58
CA SER A 18 -7.13 -4.77 -3.88
C SER A 18 -5.94 -5.70 -3.72
N GLY A 19 -5.24 -5.48 -2.63
CA GLY A 19 -4.05 -6.22 -2.32
C GLY A 19 -2.83 -5.50 -2.85
N VAL A 20 -3.07 -4.56 -3.73
CA VAL A 20 -2.00 -3.87 -4.41
C VAL A 20 -1.58 -2.64 -3.63
N CYS A 21 -0.31 -2.56 -3.37
CA CYS A 21 0.28 -1.44 -2.70
C CYS A 21 1.14 -0.71 -3.70
N VAL A 22 0.84 0.54 -3.92
CA VAL A 22 1.55 1.33 -4.89
C VAL A 22 2.54 2.24 -4.17
N PRO A 23 3.85 2.00 -4.35
CA PRO A 23 4.89 2.83 -3.74
C PRO A 23 4.80 4.26 -4.26
N ILE A 24 4.58 5.19 -3.39
CA ILE A 24 4.39 6.58 -3.78
C ILE A 24 5.67 7.34 -3.58
N VAL A 25 6.13 7.37 -2.36
CA VAL A 25 7.31 8.13 -2.03
C VAL A 25 8.54 7.32 -2.39
N THR A 26 8.56 6.13 -1.90
CA THR A 26 9.66 5.21 -2.03
C THR A 26 9.08 3.84 -1.77
N ILE A 27 9.92 2.86 -1.56
CA ILE A 27 9.44 1.56 -1.14
C ILE A 27 9.13 1.61 0.36
N PHE A 28 9.35 2.74 0.98
CA PHE A 28 9.14 2.89 2.39
C PHE A 28 7.75 3.43 2.67
N TYR A 29 7.07 3.90 1.63
CA TYR A 29 5.75 4.46 1.83
C TYR A 29 4.96 4.38 0.52
N GLY A 30 3.78 3.85 0.60
CA GLY A 30 2.94 3.75 -0.55
C GLY A 30 1.50 3.82 -0.14
N VAL A 31 0.61 3.70 -1.09
CA VAL A 31 -0.80 3.70 -0.81
C VAL A 31 -1.48 2.55 -1.52
N CYS A 32 -2.52 2.07 -0.94
CA CYS A 32 -3.27 0.98 -1.49
C CYS A 32 -4.07 1.41 -2.71
N TYR A 33 -4.06 0.55 -3.68
CA TYR A 33 -4.72 0.73 -4.94
C TYR A 33 -6.23 0.59 -4.76
#